data_8HRQ
#
_entry.id   8HRQ
#
_cell.length_a   89.710
_cell.length_b   117.891
_cell.length_c   77.128
_cell.angle_alpha   90.00
_cell.angle_beta   116.92
_cell.angle_gamma   90.00
#
_symmetry.space_group_name_H-M   'C 1 2 1'
#
loop_
_entity.id
_entity.type
_entity.pdbx_description
1 polymer 'Glyceraldehyde-3-phosphate dehydrogenase'
2 non-polymer 'CESIUM ION'
3 non-polymer NICOTINAMIDE-ADENINE-DINUCLEOTIDE
4 non-polymer 1,2-ETHANEDIOL
5 non-polymer GLYCEROL
6 non-polymer 'PHOSPHATE ION'
7 water water
#
_entity_poly.entity_id   1
_entity_poly.type   'polypeptide(L)'
_entity_poly.pdbx_seq_one_letter_code
;MTIRVGINGFGRIGRNFFRAVLERSDDLEVVAVNDSKDNKTLSTLLKFDSIMGRLGQEVEYDDDSITVGGKRIAVYAERD
PKNLDWAAHNVDIVIESTGFFTDANAAKAHIEAGAKKVIISAPASNEDATFVYGVNHESYDPENHNVISGASCTTNCLAP
MAKVLNDKFGIENGLMTTVHAYTGDQRLHDAPHRDLRRARAAAVNIVPTSTGAAKAVALVLPELKGKLDGYALRVPVITG
SATDLTFNTKSEVTVESINAAIKEAAVGEFGETLAYSEEPLVSTDIVHDSHGSIFDAGLTKVSGNTVKVVSWYDNEWGYT
CQLLRLTELVASKLLEHHHHHH
;
_entity_poly.pdbx_strand_id   A,B
#
# COMPACT_ATOMS: atom_id res chain seq x y z
N THR A 2 -3.86 29.62 11.47
CA THR A 2 -3.03 28.64 10.74
C THR A 2 -1.58 29.10 10.77
N ILE A 3 -0.64 28.18 11.04
CA ILE A 3 0.77 28.54 11.09
C ILE A 3 1.40 27.99 9.82
N ARG A 4 2.28 28.78 9.22
CA ARG A 4 2.82 28.46 7.91
C ARG A 4 4.21 27.84 8.10
N VAL A 5 4.46 26.77 7.33
CA VAL A 5 5.54 25.83 7.53
C VAL A 5 6.41 25.77 6.28
N GLY A 6 7.72 25.66 6.49
CA GLY A 6 8.66 25.41 5.41
C GLY A 6 9.30 24.04 5.62
N ILE A 7 9.64 23.34 4.53
CA ILE A 7 10.43 22.13 4.60
C ILE A 7 11.76 22.36 3.90
N ASN A 8 12.85 22.03 4.59
CA ASN A 8 14.17 22.03 3.96
C ASN A 8 14.55 20.58 3.73
N GLY A 9 14.65 20.16 2.47
CA GLY A 9 14.85 18.75 2.17
C GLY A 9 13.54 18.02 1.85
N PHE A 10 13.21 18.00 0.55
CA PHE A 10 11.99 17.37 0.09
C PHE A 10 12.28 15.95 -0.34
N GLY A 11 12.78 15.13 0.61
CA GLY A 11 13.11 13.72 0.40
C GLY A 11 11.99 12.83 0.90
N ARG A 12 12.37 11.62 1.35
CA ARG A 12 11.34 10.73 1.87
C ARG A 12 10.61 11.43 3.02
N ILE A 13 11.38 11.94 4.01
CA ILE A 13 10.79 12.33 5.28
C ILE A 13 10.02 13.64 5.07
N GLY A 14 10.59 14.52 4.23
CA GLY A 14 10.01 15.77 3.80
C GLY A 14 8.65 15.59 3.11
N ARG A 15 8.60 14.68 2.13
CA ARG A 15 7.39 14.40 1.37
C ARG A 15 6.39 13.67 2.24
N ASN A 16 6.86 12.76 3.11
CA ASN A 16 6.01 12.20 4.15
C ASN A 16 5.35 13.31 4.97
N PHE A 17 6.15 14.28 5.41
CA PHE A 17 5.66 15.32 6.30
C PHE A 17 4.57 16.16 5.61
N PHE A 18 4.82 16.48 4.33
CA PHE A 18 3.88 17.20 3.49
C PHE A 18 2.54 16.47 3.45
N ARG A 19 2.61 15.18 3.09
CA ARG A 19 1.40 14.36 3.06
C ARG A 19 0.71 14.33 4.42
N ALA A 20 1.50 14.24 5.49
CA ALA A 20 0.91 14.12 6.81
C ALA A 20 0.13 15.39 7.12
N VAL A 21 0.66 16.54 6.72
CA VAL A 21 0.00 17.81 6.97
C VAL A 21 -1.30 17.79 6.19
N LEU A 22 -1.23 17.37 4.93
CA LEU A 22 -2.41 17.29 4.09
C LEU A 22 -3.46 16.38 4.70
N GLU A 23 -3.02 15.24 5.24
CA GLU A 23 -3.97 14.25 5.68
C GLU A 23 -4.46 14.56 7.09
N ARG A 24 -3.65 15.19 7.95
CA ARG A 24 -3.85 15.04 9.39
C ARG A 24 -3.98 16.38 10.13
N SER A 25 -3.60 17.50 9.54
CA SER A 25 -3.55 18.75 10.29
C SER A 25 -4.62 19.70 9.76
N ASP A 26 -5.22 20.49 10.66
CA ASP A 26 -6.20 21.49 10.23
C ASP A 26 -5.63 22.91 10.39
N ASP A 27 -4.42 23.06 10.96
CA ASP A 27 -3.92 24.37 11.32
C ASP A 27 -2.45 24.58 10.98
N LEU A 28 -1.86 23.72 10.11
CA LEU A 28 -0.54 23.99 9.57
C LEU A 28 -0.67 24.02 8.06
N GLU A 29 0.11 24.85 7.39
CA GLU A 29 0.10 24.84 5.94
C GLU A 29 1.53 24.91 5.45
N VAL A 30 1.92 23.98 4.59
CA VAL A 30 3.25 24.04 4.02
C VAL A 30 3.19 25.01 2.86
N VAL A 31 3.93 26.11 2.95
CA VAL A 31 3.82 27.19 1.99
C VAL A 31 5.11 27.30 1.17
N ALA A 32 6.22 26.71 1.63
CA ALA A 32 7.44 26.76 0.85
C ALA A 32 8.35 25.57 1.17
N VAL A 33 9.15 25.19 0.18
CA VAL A 33 10.09 24.11 0.37
C VAL A 33 11.39 24.46 -0.36
N ASN A 34 12.45 23.75 0.04
CA ASN A 34 13.77 24.07 -0.44
C ASN A 34 14.47 22.77 -0.76
N ASP A 35 14.98 22.67 -1.99
CA ASP A 35 15.64 21.43 -2.39
C ASP A 35 16.54 21.72 -3.59
N SER A 36 17.61 20.94 -3.69
CA SER A 36 18.57 21.08 -4.79
C SER A 36 17.96 20.70 -6.13
N LYS A 37 16.98 19.81 -6.17
CA LYS A 37 16.63 19.17 -7.43
C LYS A 37 15.57 19.97 -8.17
N ASP A 38 15.42 19.71 -9.47
CA ASP A 38 14.45 20.40 -10.29
C ASP A 38 13.03 19.95 -9.90
N ASN A 39 12.07 20.82 -10.27
CA ASN A 39 10.68 20.73 -9.88
C ASN A 39 9.96 19.59 -10.57
N LYS A 40 10.36 19.26 -11.79
CA LYS A 40 9.77 18.12 -12.44
C LYS A 40 10.06 16.87 -11.63
N THR A 41 11.29 16.72 -11.14
CA THR A 41 11.68 15.54 -10.38
C THR A 41 10.99 15.51 -9.02
N LEU A 42 10.96 16.65 -8.34
CA LEU A 42 10.36 16.66 -7.04
C LEU A 42 8.86 16.40 -7.16
N SER A 43 8.23 16.93 -8.20
CA SER A 43 6.77 16.86 -8.25
C SER A 43 6.34 15.44 -8.64
N THR A 44 7.19 14.76 -9.42
CA THR A 44 7.01 13.36 -9.77
C THR A 44 7.11 12.44 -8.57
N LEU A 45 8.06 12.68 -7.67
CA LEU A 45 8.24 11.86 -6.48
C LEU A 45 7.13 12.19 -5.48
N LEU A 46 6.59 13.40 -5.53
CA LEU A 46 5.49 13.74 -4.63
C LEU A 46 4.24 13.01 -5.09
N LYS A 47 4.01 13.04 -6.41
CA LYS A 47 2.81 12.49 -7.01
C LYS A 47 2.79 10.95 -6.83
N PHE A 48 3.93 10.30 -7.08
CA PHE A 48 4.01 8.86 -7.09
C PHE A 48 4.99 8.36 -6.05
N ASP A 49 4.51 7.50 -5.18
CA ASP A 49 5.33 7.00 -4.10
C ASP A 49 5.25 5.47 -4.08
N SER A 50 6.42 4.80 -4.07
CA SER A 50 6.54 3.36 -3.97
C SER A 50 5.93 2.78 -2.68
N ILE A 51 5.84 3.57 -1.60
CA ILE A 51 5.37 3.06 -0.32
C ILE A 51 3.98 3.63 -0.03
N MET A 52 3.76 4.92 -0.23
CA MET A 52 2.50 5.54 0.15
C MET A 52 1.46 5.54 -0.96
N GLY A 53 1.82 5.14 -2.20
CA GLY A 53 0.87 5.23 -3.29
C GLY A 53 0.75 6.65 -3.85
N ARG A 54 -0.23 6.85 -4.73
CA ARG A 54 -0.35 8.12 -5.44
C ARG A 54 -0.91 9.18 -4.50
N LEU A 55 -0.45 10.42 -4.61
CA LEU A 55 -1.06 11.48 -3.85
C LEU A 55 -2.48 11.66 -4.38
N GLY A 56 -3.45 11.82 -3.52
CA GLY A 56 -4.82 11.90 -4.04
C GLY A 56 -5.22 13.25 -4.66
N GLN A 57 -4.26 14.05 -5.17
CA GLN A 57 -4.51 15.40 -5.63
C GLN A 57 -3.68 15.74 -6.85
N GLU A 58 -4.13 16.76 -7.57
CA GLU A 58 -3.45 17.17 -8.79
C GLU A 58 -2.18 17.88 -8.36
N VAL A 59 -1.09 17.60 -9.09
CA VAL A 59 0.22 18.18 -8.89
C VAL A 59 0.67 18.82 -10.20
N GLU A 60 1.01 20.13 -10.14
CA GLU A 60 1.56 20.85 -11.28
C GLU A 60 2.87 21.48 -10.79
N TYR A 61 3.72 21.90 -11.72
CA TYR A 61 4.95 22.59 -11.38
C TYR A 61 5.28 23.62 -12.47
N ASP A 62 6.02 24.66 -12.09
CA ASP A 62 6.78 25.48 -13.02
C ASP A 62 8.17 25.62 -12.42
N ASP A 63 8.97 26.61 -12.84
CA ASP A 63 10.34 26.66 -12.34
C ASP A 63 10.40 27.31 -10.97
N ASP A 64 9.33 27.97 -10.51
CA ASP A 64 9.39 28.61 -9.22
C ASP A 64 8.62 27.84 -8.16
N SER A 65 7.84 26.81 -8.53
CA SER A 65 6.84 26.34 -7.60
C SER A 65 6.27 24.97 -7.97
N ILE A 66 5.55 24.40 -7.01
CA ILE A 66 4.76 23.20 -7.25
C ILE A 66 3.36 23.47 -6.70
N THR A 67 2.33 23.11 -7.45
CA THR A 67 0.97 23.40 -7.05
C THR A 67 0.29 22.07 -6.82
N VAL A 68 -0.26 21.94 -5.60
CA VAL A 68 -0.90 20.71 -5.17
C VAL A 68 -2.35 21.05 -4.80
N GLY A 69 -3.29 20.40 -5.47
CA GLY A 69 -4.72 20.63 -5.36
C GLY A 69 -5.06 22.11 -5.51
N GLY A 70 -4.29 22.84 -6.32
CA GLY A 70 -4.55 24.23 -6.60
C GLY A 70 -3.84 25.16 -5.63
N LYS A 71 -3.23 24.63 -4.55
CA LYS A 71 -2.44 25.43 -3.62
C LYS A 71 -0.97 25.49 -4.07
N ARG A 72 -0.46 26.70 -4.29
CA ARG A 72 0.87 26.95 -4.82
C ARG A 72 1.91 26.92 -3.71
N ILE A 73 2.97 26.10 -3.90
CA ILE A 73 4.06 25.99 -2.95
C ILE A 73 5.28 26.64 -3.60
N ALA A 74 5.89 27.66 -2.99
CA ALA A 74 7.16 28.18 -3.49
C ALA A 74 8.29 27.20 -3.21
N VAL A 75 9.06 26.94 -4.25
CA VAL A 75 10.18 26.02 -4.13
C VAL A 75 11.48 26.78 -4.40
N TYR A 76 12.44 26.69 -3.47
CA TYR A 76 13.76 27.30 -3.63
C TYR A 76 14.80 26.21 -3.82
N ALA A 77 16.03 26.62 -4.11
CA ALA A 77 17.12 25.67 -4.32
C ALA A 77 18.45 26.26 -3.88
N GLU A 78 18.52 26.69 -2.61
CA GLU A 78 19.78 27.02 -1.96
C GLU A 78 20.37 25.77 -1.32
N ARG A 79 21.66 25.50 -1.53
CA ARG A 79 22.33 24.50 -0.72
C ARG A 79 22.68 25.15 0.63
N ASP A 80 22.64 26.50 0.71
CA ASP A 80 22.97 27.20 1.94
C ASP A 80 21.76 27.95 2.48
N PRO A 81 21.14 27.41 3.56
CA PRO A 81 19.99 28.03 4.19
C PRO A 81 20.14 29.54 4.45
N LYS A 82 21.39 30.00 4.57
CA LYS A 82 21.67 31.41 4.77
C LYS A 82 21.04 32.26 3.66
N ASN A 83 21.00 31.71 2.44
CA ASN A 83 20.44 32.39 1.27
C ASN A 83 18.90 32.31 1.19
N LEU A 84 18.23 31.64 2.12
CA LEU A 84 16.77 31.55 2.06
C LEU A 84 16.19 32.84 2.60
N ASP A 85 14.90 33.06 2.36
CA ASP A 85 14.16 34.10 3.04
C ASP A 85 12.79 33.51 3.40
N TRP A 86 12.76 32.91 4.60
CA TRP A 86 11.59 32.25 5.13
C TRP A 86 10.57 33.31 5.50
N ALA A 87 11.07 34.48 5.87
CA ALA A 87 10.23 35.58 6.30
C ALA A 87 9.38 36.15 5.15
N ALA A 88 9.80 35.92 3.90
CA ALA A 88 9.03 36.40 2.76
C ALA A 88 7.67 35.71 2.71
N HIS A 89 7.61 34.44 3.13
CA HIS A 89 6.39 33.69 3.05
C HIS A 89 5.68 33.64 4.40
N ASN A 90 6.17 34.42 5.38
CA ASN A 90 5.66 34.45 6.74
C ASN A 90 5.68 33.03 7.31
N VAL A 91 6.80 32.33 7.09
CA VAL A 91 7.02 30.98 7.60
C VAL A 91 7.51 31.05 9.04
N ASP A 92 6.76 30.42 9.97
CA ASP A 92 7.14 30.41 11.38
C ASP A 92 8.01 29.20 11.72
N ILE A 93 7.72 28.03 11.15
CA ILE A 93 8.41 26.79 11.53
C ILE A 93 9.06 26.17 10.29
N VAL A 94 10.35 25.84 10.36
CA VAL A 94 10.99 25.09 9.31
C VAL A 94 11.27 23.69 9.86
N ILE A 95 11.00 22.69 9.01
CA ILE A 95 11.29 21.30 9.29
C ILE A 95 12.60 21.03 8.59
N GLU A 96 13.64 20.63 9.35
CA GLU A 96 14.95 20.45 8.75
C GLU A 96 15.15 18.96 8.52
N SER A 97 15.02 18.57 7.25
CA SER A 97 14.90 17.16 6.87
C SER A 97 15.86 16.79 5.73
N THR A 98 16.92 17.58 5.48
CA THR A 98 17.94 17.22 4.49
C THR A 98 18.88 16.14 5.01
N GLY A 99 19.23 16.18 6.29
CA GLY A 99 20.29 15.35 6.83
C GLY A 99 21.66 16.06 6.85
N PHE A 100 21.79 17.26 6.31
CA PHE A 100 23.07 17.96 6.27
C PHE A 100 23.09 19.17 7.21
N PHE A 101 22.11 19.23 8.13
CA PHE A 101 22.06 20.27 9.14
C PHE A 101 21.57 19.71 10.48
N THR A 102 21.99 18.48 10.85
CA THR A 102 21.67 17.87 12.13
C THR A 102 22.41 18.52 13.29
N ASP A 103 23.52 19.20 12.98
CA ASP A 103 24.18 20.17 13.84
C ASP A 103 23.31 21.41 13.90
N ALA A 104 22.89 21.79 15.10
CA ALA A 104 21.97 22.92 15.28
C ALA A 104 22.67 24.23 15.00
N ASN A 105 23.98 24.27 15.24
CA ASN A 105 24.76 25.46 14.90
C ASN A 105 24.67 25.75 13.41
N ALA A 106 24.47 24.71 12.60
CA ALA A 106 24.23 24.90 11.17
C ALA A 106 22.74 25.23 10.97
N ALA A 107 21.86 24.40 11.57
CA ALA A 107 20.42 24.47 11.35
C ALA A 107 19.82 25.83 11.72
N LYS A 108 20.41 26.51 12.70
CA LYS A 108 19.83 27.77 13.13
C LYS A 108 20.04 28.85 12.06
N ALA A 109 20.78 28.56 10.97
CA ALA A 109 20.82 29.45 9.81
C ALA A 109 19.41 29.84 9.35
N HIS A 110 18.44 28.95 9.58
CA HIS A 110 17.07 29.15 9.15
C HIS A 110 16.40 30.24 9.98
N ILE A 111 16.76 30.31 11.28
CA ILE A 111 16.32 31.40 12.15
C ILE A 111 16.89 32.73 11.65
N GLU A 112 18.19 32.74 11.31
CA GLU A 112 18.86 33.91 10.74
C GLU A 112 18.15 34.27 9.44
N ALA A 113 17.83 33.25 8.66
CA ALA A 113 17.23 33.41 7.35
C ALA A 113 15.73 33.68 7.45
N GLY A 114 15.22 33.84 8.68
CA GLY A 114 13.92 34.48 8.87
C GLY A 114 12.88 33.62 9.59
N ALA A 115 13.15 32.32 9.80
CA ALA A 115 12.23 31.46 10.56
C ALA A 115 12.27 31.78 12.06
N LYS A 116 11.25 31.32 12.82
CA LYS A 116 11.22 31.45 14.27
C LYS A 116 11.50 30.14 14.99
N LYS A 117 11.35 28.99 14.31
CA LYS A 117 11.57 27.70 14.92
C LYS A 117 12.07 26.74 13.85
N VAL A 118 12.93 25.81 14.30
CA VAL A 118 13.47 24.76 13.46
C VAL A 118 13.27 23.42 14.14
N ILE A 119 12.68 22.47 13.43
CA ILE A 119 12.53 21.13 13.96
C ILE A 119 13.35 20.23 13.05
N ILE A 120 14.39 19.62 13.63
CA ILE A 120 15.28 18.71 12.91
C ILE A 120 14.72 17.29 13.01
N SER A 121 14.59 16.65 11.83
CA SER A 121 13.92 15.36 11.73
C SER A 121 14.94 14.25 11.87
N ALA A 122 15.72 14.31 12.95
CA ALA A 122 16.80 13.36 13.19
C ALA A 122 17.44 13.64 14.56
N PRO A 123 18.20 12.67 15.12
CA PRO A 123 19.11 12.95 16.22
C PRO A 123 19.94 14.16 15.79
N ALA A 124 20.14 15.06 16.74
CA ALA A 124 20.76 16.34 16.47
C ALA A 124 21.95 16.48 17.43
N SER A 125 22.85 17.42 17.12
CA SER A 125 23.85 17.87 18.07
C SER A 125 23.66 19.36 18.32
N ASN A 126 23.83 19.78 19.59
CA ASN A 126 23.88 21.18 19.95
C ASN A 126 22.47 21.77 20.00
N GLU A 127 21.44 20.93 20.01
CA GLU A 127 20.08 21.46 19.94
C GLU A 127 19.70 22.03 21.31
N ASP A 128 18.68 22.87 21.31
CA ASP A 128 18.08 23.40 22.53
C ASP A 128 17.40 22.29 23.32
N ALA A 129 16.79 21.33 22.61
CA ALA A 129 16.08 20.21 23.24
C ALA A 129 15.77 19.13 22.20
N THR A 130 15.54 17.92 22.70
CA THR A 130 15.15 16.78 21.89
C THR A 130 13.84 16.28 22.49
N PHE A 131 12.87 16.00 21.64
CA PHE A 131 11.61 15.45 22.12
C PHE A 131 11.18 14.19 21.38
N VAL A 132 10.58 13.30 22.14
CA VAL A 132 9.69 12.28 21.66
C VAL A 132 8.30 12.64 22.18
N TYR A 133 7.41 12.99 21.26
CA TYR A 133 6.05 13.35 21.61
C TYR A 133 5.39 12.22 22.38
N GLY A 134 4.71 12.61 23.47
CA GLY A 134 4.08 11.66 24.37
C GLY A 134 4.97 11.31 25.56
N VAL A 135 6.28 11.59 25.46
CA VAL A 135 7.23 11.18 26.49
C VAL A 135 7.66 12.38 27.30
N ASN A 136 8.14 13.46 26.66
CA ASN A 136 8.68 14.58 27.42
C ASN A 136 8.37 15.90 26.73
N HIS A 137 7.26 15.98 25.98
CA HIS A 137 6.89 17.20 25.26
C HIS A 137 6.36 18.29 26.20
N GLU A 138 5.92 17.93 27.40
CA GLU A 138 5.47 18.90 28.39
C GLU A 138 6.64 19.76 28.87
N SER A 139 7.87 19.29 28.67
CA SER A 139 9.02 20.07 29.06
C SER A 139 9.42 21.04 27.95
N TYR A 140 8.58 21.17 26.90
CA TYR A 140 8.86 22.11 25.83
C TYR A 140 8.70 23.56 26.35
N ASP A 141 9.71 24.40 26.06
CA ASP A 141 9.80 25.78 26.50
C ASP A 141 9.68 26.69 25.30
N PRO A 142 8.51 27.33 25.07
CA PRO A 142 8.29 28.16 23.91
C PRO A 142 9.33 29.25 23.75
N GLU A 143 9.86 29.78 24.86
CA GLU A 143 10.82 30.87 24.77
C GLU A 143 12.22 30.39 24.39
N ASN A 144 12.70 29.29 24.99
CA ASN A 144 14.12 28.95 24.88
C ASN A 144 14.39 27.78 23.94
N HIS A 145 13.36 27.03 23.58
CA HIS A 145 13.50 25.88 22.69
C HIS A 145 13.12 26.29 21.28
N ASN A 146 14.11 26.76 20.50
CA ASN A 146 13.89 27.28 19.17
C ASN A 146 14.47 26.38 18.07
N VAL A 147 15.58 25.67 18.31
CA VAL A 147 16.08 24.66 17.38
C VAL A 147 16.04 23.35 18.12
N ILE A 148 15.12 22.45 17.72
CA ILE A 148 14.89 21.24 18.49
C ILE A 148 15.08 20.04 17.56
N SER A 149 15.11 18.87 18.17
CA SER A 149 15.08 17.61 17.44
C SER A 149 13.86 16.78 17.86
N GLY A 150 13.31 16.08 16.90
CA GLY A 150 12.28 15.07 17.12
C GLY A 150 12.84 13.65 17.28
N ALA A 151 14.16 13.53 17.48
CA ALA A 151 14.83 12.24 17.70
C ALA A 151 14.73 11.34 16.46
N SER A 152 14.93 10.05 16.66
CA SER A 152 14.97 9.10 15.56
C SER A 152 13.67 8.30 15.59
N CYS A 153 13.40 7.60 14.48
CA CYS A 153 12.27 6.69 14.37
C CYS A 153 12.32 5.64 15.48
N THR A 154 13.48 4.97 15.63
CA THR A 154 13.61 3.93 16.61
C THR A 154 13.43 4.45 18.03
N THR A 155 13.94 5.66 18.31
CA THR A 155 13.78 6.24 19.64
C THR A 155 12.29 6.53 19.91
N ASN A 156 11.55 6.93 18.86
CA ASN A 156 10.11 7.22 18.98
C ASN A 156 9.33 5.94 19.21
N CYS A 157 9.89 4.80 18.78
CA CYS A 157 9.32 3.52 19.16
C CYS A 157 9.64 3.10 20.60
N LEU A 158 10.93 3.20 20.97
CA LEU A 158 11.39 2.62 22.21
C LEU A 158 10.97 3.47 23.41
N ALA A 159 11.15 4.80 23.32
CA ALA A 159 10.98 5.68 24.47
C ALA A 159 9.60 5.53 25.13
N PRO A 160 8.48 5.49 24.39
CA PRO A 160 7.18 5.44 25.04
C PRO A 160 6.98 4.14 25.82
N MET A 161 7.33 3.03 25.19
CA MET A 161 7.25 1.73 25.81
C MET A 161 8.14 1.72 27.06
N ALA A 162 9.34 2.31 26.95
CA ALA A 162 10.32 2.24 28.01
C ALA A 162 9.83 3.07 29.20
N LYS A 163 9.16 4.20 28.92
CA LYS A 163 8.66 5.05 29.98
C LYS A 163 7.62 4.30 30.79
N VAL A 164 6.71 3.63 30.10
CA VAL A 164 5.63 2.97 30.80
C VAL A 164 6.22 1.85 31.64
N LEU A 165 7.11 1.04 31.04
CA LEU A 165 7.63 -0.09 31.81
C LEU A 165 8.53 0.39 32.95
N ASN A 166 9.34 1.42 32.73
CA ASN A 166 10.27 1.88 33.76
C ASN A 166 9.48 2.55 34.88
N ASP A 167 8.42 3.29 34.53
CA ASP A 167 7.56 3.93 35.52
C ASP A 167 6.91 2.87 36.39
N LYS A 168 6.38 1.81 35.75
CA LYS A 168 5.61 0.81 36.46
C LYS A 168 6.47 -0.26 37.15
N PHE A 169 7.61 -0.69 36.56
CA PHE A 169 8.42 -1.76 37.14
C PHE A 169 9.87 -1.37 37.43
N GLY A 170 10.43 -0.40 36.70
CA GLY A 170 11.83 -0.03 36.77
C GLY A 170 12.75 -0.92 35.93
N ILE A 171 13.56 -0.27 35.10
CA ILE A 171 14.52 -0.98 34.27
C ILE A 171 15.91 -0.75 34.83
N GLU A 172 16.62 -1.84 35.12
CA GLU A 172 17.99 -1.73 35.59
C GLU A 172 18.93 -1.57 34.40
N ASN A 173 18.74 -2.44 33.41
CA ASN A 173 19.60 -2.54 32.23
C ASN A 173 18.76 -3.15 31.11
N GLY A 174 19.08 -2.79 29.86
CA GLY A 174 18.34 -3.31 28.71
C GLY A 174 19.16 -3.29 27.43
N LEU A 175 18.90 -4.27 26.56
CA LEU A 175 19.54 -4.34 25.27
C LEU A 175 18.50 -4.60 24.19
N MET A 176 18.57 -3.78 23.13
CA MET A 176 17.60 -3.73 22.06
C MET A 176 18.18 -4.31 20.76
N THR A 177 17.38 -5.09 20.04
CA THR A 177 17.51 -5.32 18.62
C THR A 177 16.30 -4.75 17.88
N THR A 178 16.55 -3.77 17.00
CA THR A 178 15.55 -3.34 16.02
C THR A 178 15.74 -4.13 14.72
N VAL A 179 14.69 -4.89 14.39
CA VAL A 179 14.57 -5.52 13.09
C VAL A 179 13.86 -4.55 12.17
N HIS A 180 14.63 -3.95 11.26
CA HIS A 180 14.31 -2.66 10.64
C HIS A 180 14.27 -2.79 9.12
N ALA A 181 13.29 -2.12 8.49
CA ALA A 181 13.26 -2.00 7.03
C ALA A 181 14.58 -1.40 6.54
N TYR A 182 14.99 -1.76 5.31
CA TYR A 182 16.19 -1.16 4.78
C TYR A 182 15.87 0.31 4.45
N THR A 183 16.90 1.13 4.46
CA THR A 183 16.76 2.57 4.28
C THR A 183 17.78 3.03 3.24
N GLY A 184 17.62 4.30 2.85
CA GLY A 184 18.28 4.85 1.68
C GLY A 184 19.79 4.96 1.81
N ASP A 185 20.34 4.89 3.04
CA ASP A 185 21.78 4.89 3.30
C ASP A 185 22.43 3.57 2.85
N GLN A 186 21.65 2.53 2.60
CA GLN A 186 22.19 1.21 2.24
C GLN A 186 22.33 1.10 0.73
N ARG A 187 23.06 0.08 0.25
CA ARG A 187 23.26 -0.10 -1.17
C ARG A 187 22.29 -1.14 -1.75
N LEU A 188 21.98 -1.00 -3.05
CA LEU A 188 21.15 -1.93 -3.77
C LEU A 188 21.97 -3.13 -4.21
N HIS A 189 23.21 -2.84 -4.66
CA HIS A 189 24.18 -3.88 -5.03
C HIS A 189 25.45 -3.68 -4.21
N ASP A 190 26.21 -4.76 -3.93
CA ASP A 190 27.41 -4.66 -3.13
C ASP A 190 28.28 -3.52 -3.70
N ALA A 191 28.64 -2.53 -2.87
CA ALA A 191 29.38 -1.37 -3.33
C ALA A 191 30.05 -0.70 -2.13
N PRO A 192 31.18 0.02 -2.30
CA PRO A 192 31.82 0.72 -1.18
C PRO A 192 30.88 1.55 -0.33
N HIS A 193 31.13 1.50 0.98
CA HIS A 193 30.38 2.21 1.98
C HIS A 193 31.32 2.23 3.17
N ARG A 194 31.29 3.32 3.95
CA ARG A 194 32.08 3.39 5.18
C ARG A 194 31.73 2.30 6.18
N ASP A 195 30.49 1.76 6.15
CA ASP A 195 30.08 0.64 6.98
C ASP A 195 30.06 -0.61 6.09
N LEU A 196 30.98 -1.55 6.31
CA LEU A 196 31.22 -2.58 5.30
C LEU A 196 30.07 -3.58 5.27
N ARG A 197 29.18 -3.56 6.25
CA ARG A 197 27.98 -4.38 6.17
C ARG A 197 26.90 -3.67 5.36
N ARG A 198 26.70 -2.36 5.58
CA ARG A 198 25.76 -1.56 4.78
C ARG A 198 26.17 -1.43 3.31
N ALA A 199 27.40 -1.85 3.02
CA ALA A 199 27.88 -1.96 1.67
C ALA A 199 27.16 -3.06 0.89
N ARG A 200 26.49 -4.01 1.57
CA ARG A 200 25.96 -5.22 0.93
C ARG A 200 24.47 -5.12 0.55
N ALA A 201 24.16 -5.70 -0.62
CA ALA A 201 22.87 -5.65 -1.32
C ALA A 201 21.73 -5.70 -0.32
N ALA A 202 21.05 -4.58 -0.09
CA ALA A 202 20.10 -4.46 1.01
C ALA A 202 18.88 -5.37 0.88
N ALA A 203 18.48 -5.72 -0.34
CA ALA A 203 17.17 -6.35 -0.45
C ALA A 203 17.30 -7.86 -0.49
N VAL A 204 18.52 -8.39 -0.33
CA VAL A 204 18.69 -9.83 -0.23
C VAL A 204 19.46 -10.20 1.04
N ASN A 205 19.63 -9.27 1.99
CA ASN A 205 20.50 -9.54 3.10
C ASN A 205 19.84 -9.05 4.39
N ILE A 206 20.04 -9.85 5.45
CA ILE A 206 20.02 -9.37 6.83
C ILE A 206 21.35 -8.67 7.10
N VAL A 207 21.27 -7.36 7.37
CA VAL A 207 22.43 -6.49 7.53
C VAL A 207 22.48 -5.89 8.95
N PRO A 208 23.42 -6.33 9.82
CA PRO A 208 23.58 -5.72 11.14
C PRO A 208 24.25 -4.37 11.00
N THR A 209 23.81 -3.43 11.84
CA THR A 209 24.40 -2.09 11.82
C THR A 209 24.16 -1.44 13.19
N SER A 210 24.96 -0.44 13.51
CA SER A 210 24.86 0.18 14.82
C SER A 210 23.66 1.14 14.84
N THR A 211 23.21 1.51 16.04
CA THR A 211 22.30 2.64 16.18
C THR A 211 22.46 3.25 17.57
N GLY A 212 22.34 4.56 17.64
CA GLY A 212 22.40 5.32 18.86
C GLY A 212 21.03 5.39 19.53
N ALA A 213 20.02 4.70 18.94
CA ALA A 213 18.66 5.03 19.30
C ALA A 213 18.37 4.65 20.75
N ALA A 214 19.05 3.63 21.29
CA ALA A 214 18.73 3.17 22.62
C ALA A 214 19.44 4.06 23.67
N LYS A 215 20.69 4.45 23.39
CA LYS A 215 21.33 5.40 24.28
C LYS A 215 20.63 6.78 24.23
N ALA A 216 20.11 7.18 23.08
CA ALA A 216 19.41 8.45 22.93
C ALA A 216 18.12 8.49 23.75
N VAL A 217 17.58 7.37 24.19
CA VAL A 217 16.41 7.41 25.06
C VAL A 217 16.68 8.31 26.28
N ALA A 218 17.92 8.25 26.76
CA ALA A 218 18.39 9.04 27.91
C ALA A 218 18.16 10.54 27.74
N LEU A 219 18.16 11.03 26.50
CA LEU A 219 17.86 12.43 26.20
C LEU A 219 16.43 12.84 26.59
N VAL A 220 15.46 11.91 26.52
CA VAL A 220 14.07 12.24 26.79
C VAL A 220 13.62 11.58 28.08
N LEU A 221 14.40 10.61 28.57
CA LEU A 221 14.16 9.93 29.81
C LEU A 221 15.48 9.80 30.56
N PRO A 222 15.95 10.91 31.19
CA PRO A 222 17.29 10.92 31.81
C PRO A 222 17.46 9.84 32.87
N GLU A 223 16.34 9.33 33.44
CA GLU A 223 16.43 8.25 34.42
C GLU A 223 17.02 6.99 33.81
N LEU A 224 17.12 6.89 32.48
CA LEU A 224 17.60 5.67 31.86
C LEU A 224 19.01 5.88 31.32
N LYS A 225 19.62 7.02 31.62
CA LYS A 225 20.95 7.20 31.10
C LYS A 225 21.86 6.06 31.56
N GLY A 226 22.63 5.55 30.61
CA GLY A 226 23.61 4.50 30.83
C GLY A 226 23.05 3.09 30.86
N LYS A 227 21.72 2.99 30.78
CA LYS A 227 21.05 1.73 31.09
C LYS A 227 20.68 0.89 29.84
N LEU A 228 20.59 1.50 28.65
CA LEU A 228 20.10 0.83 27.45
C LEU A 228 21.15 0.90 26.35
N ASP A 229 21.26 -0.14 25.54
CA ASP A 229 22.02 -0.06 24.30
C ASP A 229 21.39 -1.02 23.28
N GLY A 230 21.91 -1.06 22.07
CA GLY A 230 21.27 -1.87 21.06
C GLY A 230 21.99 -1.82 19.72
N TYR A 231 21.41 -2.58 18.78
CA TYR A 231 21.84 -2.53 17.40
C TYR A 231 20.63 -2.80 16.53
N ALA A 232 20.86 -2.75 15.23
CA ALA A 232 19.82 -2.95 14.22
C ALA A 232 20.18 -4.11 13.31
N LEU A 233 19.14 -4.85 12.93
CA LEU A 233 19.19 -5.78 11.81
C LEU A 233 18.27 -5.27 10.71
N ARG A 234 18.88 -4.70 9.67
CA ARG A 234 18.14 -4.33 8.47
C ARG A 234 17.77 -5.56 7.66
N VAL A 235 16.48 -5.64 7.29
CA VAL A 235 15.93 -6.79 6.57
C VAL A 235 15.15 -6.36 5.33
N PRO A 236 14.88 -7.30 4.39
CA PRO A 236 14.22 -6.94 3.12
C PRO A 236 12.72 -6.67 3.15
N VAL A 237 12.31 -5.67 3.92
CA VAL A 237 11.04 -4.99 3.69
C VAL A 237 11.33 -3.51 3.51
N ILE A 238 10.44 -2.81 2.79
CA ILE A 238 10.72 -1.44 2.33
C ILE A 238 10.35 -0.41 3.39
N THR A 239 9.40 -0.75 4.21
CA THR A 239 9.15 0.02 5.41
C THR A 239 8.50 -0.90 6.42
N GLY A 240 8.49 -0.46 7.67
CA GLY A 240 7.99 -1.28 8.77
C GLY A 240 9.11 -1.96 9.55
N SER A 241 9.07 -1.75 10.87
CA SER A 241 10.14 -2.18 11.75
C SER A 241 9.56 -2.62 13.09
N ALA A 242 10.36 -3.37 13.83
CA ALA A 242 10.04 -3.74 15.21
C ALA A 242 11.27 -3.53 16.10
N THR A 243 11.00 -3.10 17.31
CA THR A 243 12.00 -2.91 18.35
C THR A 243 11.79 -3.98 19.42
N ASP A 244 12.80 -4.83 19.58
CA ASP A 244 12.79 -5.94 20.50
C ASP A 244 13.72 -5.55 21.66
N LEU A 245 13.14 -5.31 22.85
CA LEU A 245 13.89 -4.87 24.03
C LEU A 245 13.85 -5.99 25.06
N THR A 246 15.07 -6.40 25.46
CA THR A 246 15.24 -7.33 26.56
C THR A 246 15.83 -6.58 27.74
N PHE A 247 15.16 -6.67 28.89
CA PHE A 247 15.59 -5.86 30.04
C PHE A 247 15.45 -6.66 31.34
N ASN A 248 16.28 -6.29 32.33
CA ASN A 248 16.20 -6.78 33.70
C ASN A 248 15.49 -5.75 34.59
N THR A 249 14.62 -6.25 35.46
CA THR A 249 13.92 -5.45 36.46
C THR A 249 14.15 -6.12 37.83
N LYS A 250 14.07 -5.34 38.92
CA LYS A 250 14.10 -5.92 40.26
C LYS A 250 12.72 -6.44 40.60
N SER A 251 11.67 -5.92 39.94
CA SER A 251 10.32 -6.35 40.21
C SER A 251 10.15 -7.85 39.90
N GLU A 252 9.14 -8.48 40.52
CA GLU A 252 8.74 -9.81 40.06
C GLU A 252 7.50 -9.61 39.22
N VAL A 253 7.55 -10.11 37.99
CA VAL A 253 6.63 -9.68 36.96
C VAL A 253 6.28 -10.91 36.13
N THR A 254 5.11 -10.85 35.48
CA THR A 254 4.65 -11.91 34.59
C THR A 254 4.34 -11.30 33.22
N VAL A 255 4.20 -12.17 32.20
CA VAL A 255 3.76 -11.74 30.90
C VAL A 255 2.50 -10.88 31.10
N GLU A 256 1.59 -11.35 31.94
CA GLU A 256 0.30 -10.69 32.11
C GLU A 256 0.43 -9.30 32.71
N SER A 257 1.33 -9.09 33.69
CA SER A 257 1.45 -7.79 34.33
C SER A 257 2.19 -6.78 33.44
N ILE A 258 3.23 -7.21 32.74
CA ILE A 258 3.81 -6.40 31.69
C ILE A 258 2.73 -5.90 30.74
N ASN A 259 1.94 -6.81 30.17
CA ASN A 259 0.96 -6.43 29.15
C ASN A 259 -0.11 -5.47 29.70
N ALA A 260 -0.62 -5.74 30.91
CA ALA A 260 -1.64 -4.90 31.52
C ALA A 260 -1.15 -3.47 31.75
N ALA A 261 0.12 -3.30 32.12
CA ALA A 261 0.66 -1.97 32.30
C ALA A 261 0.62 -1.18 31.00
N ILE A 262 1.01 -1.82 29.88
CA ILE A 262 0.94 -1.14 28.61
C ILE A 262 -0.52 -0.78 28.28
N LYS A 263 -1.40 -1.76 28.31
CA LYS A 263 -2.80 -1.52 28.01
C LYS A 263 -3.40 -0.41 28.86
N GLU A 264 -3.06 -0.41 30.16
CA GLU A 264 -3.48 0.64 31.07
C GLU A 264 -2.99 2.00 30.60
N ALA A 265 -1.71 2.12 30.21
CA ALA A 265 -1.16 3.43 29.83
C ALA A 265 -1.65 3.91 28.47
N ALA A 266 -2.01 2.98 27.57
CA ALA A 266 -2.14 3.32 26.16
C ALA A 266 -3.55 3.83 25.84
N VAL A 267 -3.87 5.01 26.35
CA VAL A 267 -5.24 5.55 26.28
C VAL A 267 -5.13 7.04 26.10
N GLY A 268 -6.27 7.70 25.85
CA GLY A 268 -6.28 9.15 25.76
C GLY A 268 -5.22 9.63 24.77
N GLU A 269 -4.58 10.76 25.09
CA GLU A 269 -3.68 11.36 24.12
C GLU A 269 -2.42 10.50 23.94
N PHE A 270 -1.86 9.97 25.02
CA PHE A 270 -0.66 9.15 24.97
C PHE A 270 -0.89 7.92 24.09
N GLY A 271 -2.16 7.44 24.04
CA GLY A 271 -2.63 6.37 23.18
C GLY A 271 -2.52 6.65 21.69
N GLU A 272 -2.33 7.90 21.28
CA GLU A 272 -2.04 8.24 19.89
C GLU A 272 -0.57 8.04 19.54
N THR A 273 0.33 8.10 20.54
CA THR A 273 1.72 7.79 20.39
C THR A 273 1.97 6.27 20.52
N LEU A 274 1.48 5.70 21.63
CA LEU A 274 1.66 4.29 21.98
C LEU A 274 0.33 3.54 21.94
N ALA A 275 0.22 2.51 21.09
CA ALA A 275 -0.94 1.63 21.05
C ALA A 275 -0.62 0.30 21.70
N TYR A 276 -1.68 -0.39 22.13
CA TYR A 276 -1.59 -1.70 22.72
C TYR A 276 -2.35 -2.63 21.80
N SER A 277 -1.73 -3.72 21.34
CA SER A 277 -2.39 -4.61 20.42
C SER A 277 -2.29 -6.06 20.89
N GLU A 278 -3.40 -6.82 20.73
CA GLU A 278 -3.42 -8.27 20.85
C GLU A 278 -3.72 -8.94 19.51
N GLU A 279 -3.57 -8.22 18.38
CA GLU A 279 -3.93 -8.76 17.08
C GLU A 279 -2.76 -9.58 16.52
N PRO A 280 -3.02 -10.47 15.55
CA PRO A 280 -1.94 -11.23 14.91
C PRO A 280 -1.19 -10.44 13.83
N LEU A 281 -0.39 -9.46 14.29
CA LEU A 281 0.23 -8.44 13.45
C LEU A 281 1.46 -9.01 12.73
N VAL A 282 1.61 -8.53 11.50
CA VAL A 282 2.83 -8.64 10.72
C VAL A 282 3.15 -7.25 10.18
N SER A 283 4.34 -7.08 9.63
CA SER A 283 4.84 -5.74 9.36
C SER A 283 3.89 -4.97 8.42
N THR A 284 3.34 -5.61 7.38
CA THR A 284 2.44 -4.89 6.50
C THR A 284 1.19 -4.32 7.20
N ASP A 285 0.80 -4.85 8.35
CA ASP A 285 -0.31 -4.31 9.14
C ASP A 285 0.00 -3.00 9.88
N ILE A 286 1.26 -2.60 10.01
CA ILE A 286 1.55 -1.36 10.70
C ILE A 286 2.10 -0.33 9.72
N VAL A 287 2.15 -0.71 8.43
CA VAL A 287 2.46 0.25 7.41
C VAL A 287 1.33 1.27 7.41
N HIS A 288 1.74 2.53 7.37
CA HIS A 288 0.88 3.71 7.45
C HIS A 288 0.18 3.86 8.80
N ASP A 289 0.65 3.18 9.84
CA ASP A 289 0.13 3.38 11.19
C ASP A 289 0.72 4.65 11.78
N SER A 290 -0.15 5.47 12.37
CA SER A 290 0.16 6.81 12.84
C SER A 290 0.76 6.82 14.25
N HIS A 291 0.79 5.68 14.94
CA HIS A 291 1.41 5.66 16.26
C HIS A 291 2.94 5.59 16.11
N GLY A 292 3.66 6.07 17.12
CA GLY A 292 5.12 5.95 17.19
C GLY A 292 5.56 4.55 17.62
N SER A 293 4.64 3.78 18.24
CA SER A 293 4.97 2.52 18.91
C SER A 293 3.68 1.70 19.05
N ILE A 294 3.67 0.51 18.47
CA ILE A 294 2.54 -0.41 18.54
C ILE A 294 2.98 -1.67 19.27
N PHE A 295 2.59 -1.74 20.57
CA PHE A 295 3.04 -2.76 21.48
C PHE A 295 2.34 -4.08 21.18
N ASP A 296 3.16 -5.14 21.00
CA ASP A 296 2.66 -6.41 20.55
C ASP A 296 2.60 -7.34 21.76
N ALA A 297 1.42 -7.50 22.36
CA ALA A 297 1.33 -8.15 23.67
C ALA A 297 1.51 -9.65 23.48
N GLY A 298 1.21 -10.13 22.26
CA GLY A 298 1.45 -11.51 21.87
C GLY A 298 2.92 -11.91 21.94
N LEU A 299 3.85 -10.95 21.95
CA LEU A 299 5.26 -11.33 21.87
C LEU A 299 6.00 -11.25 23.23
N THR A 300 5.36 -10.72 24.27
CA THR A 300 5.99 -10.49 25.56
C THR A 300 6.45 -11.79 26.19
N LYS A 301 7.75 -11.86 26.57
CA LYS A 301 8.28 -13.03 27.28
C LYS A 301 8.92 -12.63 28.63
N VAL A 302 8.90 -13.57 29.58
CA VAL A 302 9.42 -13.37 30.92
C VAL A 302 10.18 -14.63 31.35
N SER A 303 11.44 -14.43 31.75
CA SER A 303 12.25 -15.46 32.38
C SER A 303 12.89 -14.85 33.63
N GLY A 304 12.40 -15.29 34.80
CA GLY A 304 12.86 -14.78 36.09
C GLY A 304 12.65 -13.28 36.23
N ASN A 305 13.75 -12.53 36.21
CA ASN A 305 13.70 -11.09 36.27
C ASN A 305 14.05 -10.48 34.90
N THR A 306 14.17 -11.31 33.85
CA THR A 306 14.45 -10.85 32.49
C THR A 306 13.16 -10.86 31.66
N VAL A 307 12.93 -9.73 30.96
CA VAL A 307 11.73 -9.45 30.19
C VAL A 307 12.11 -9.10 28.76
N LYS A 308 11.33 -9.65 27.81
CA LYS A 308 11.43 -9.30 26.40
C LYS A 308 10.08 -8.74 25.92
N VAL A 309 10.13 -7.51 25.42
CA VAL A 309 8.95 -6.89 24.82
C VAL A 309 9.29 -6.44 23.39
N VAL A 310 8.24 -6.33 22.58
CA VAL A 310 8.35 -5.96 21.18
C VAL A 310 7.30 -4.92 20.84
N SER A 311 7.77 -3.79 20.28
CA SER A 311 6.91 -2.81 19.69
C SER A 311 7.20 -2.58 18.19
N TRP A 312 6.13 -2.42 17.39
CA TRP A 312 6.22 -2.10 15.95
C TRP A 312 6.21 -0.58 15.71
N TYR A 313 6.73 -0.23 14.54
CA TYR A 313 6.68 1.14 14.07
C TYR A 313 6.85 1.14 12.56
N ASP A 314 6.04 1.98 11.93
CA ASP A 314 6.34 2.41 10.57
C ASP A 314 7.41 3.51 10.69
N ASN A 315 8.63 3.15 10.34
CA ASN A 315 9.77 4.01 10.52
C ASN A 315 9.63 5.26 9.68
N GLU A 316 8.78 5.28 8.63
CA GLU A 316 8.58 6.49 7.88
C GLU A 316 7.39 7.29 8.44
N TRP A 317 6.19 6.70 8.42
CA TRP A 317 4.92 7.36 8.69
C TRP A 317 4.68 7.56 10.17
N GLY A 318 5.04 6.56 10.96
CA GLY A 318 4.90 6.64 12.41
C GLY A 318 5.74 7.77 12.96
N TYR A 319 6.99 7.76 12.50
CA TYR A 319 7.92 8.82 12.85
C TYR A 319 7.36 10.18 12.43
N THR A 320 6.88 10.27 11.19
CA THR A 320 6.40 11.52 10.65
C THR A 320 5.22 12.04 11.47
N CYS A 321 4.30 11.17 11.88
CA CYS A 321 3.15 11.58 12.65
C CYS A 321 3.54 12.06 14.05
N GLN A 322 4.58 11.44 14.65
CA GLN A 322 5.21 11.94 15.89
C GLN A 322 5.80 13.34 15.71
N LEU A 323 6.47 13.57 14.59
CA LEU A 323 7.04 14.87 14.26
C LEU A 323 5.94 15.91 14.04
N LEU A 324 4.81 15.50 13.46
CA LEU A 324 3.71 16.43 13.17
C LEU A 324 3.00 16.85 14.47
N ARG A 325 2.81 15.90 15.37
CA ARG A 325 2.37 16.15 16.74
C ARG A 325 3.25 17.17 17.47
N LEU A 326 4.57 16.98 17.41
CA LEU A 326 5.50 17.97 17.95
C LEU A 326 5.29 19.32 17.27
N THR A 327 5.13 19.32 15.93
CA THR A 327 5.01 20.56 15.20
C THR A 327 3.74 21.32 15.63
N GLU A 328 2.65 20.59 15.87
CA GLU A 328 1.40 21.16 16.32
C GLU A 328 1.58 21.82 17.70
N LEU A 329 2.38 21.21 18.59
CA LEU A 329 2.67 21.77 19.90
C LEU A 329 3.39 23.11 19.73
N VAL A 330 4.49 23.07 18.97
CA VAL A 330 5.23 24.30 18.71
C VAL A 330 4.26 25.34 18.13
N ALA A 331 3.38 24.95 17.22
CA ALA A 331 2.54 25.94 16.57
C ALA A 331 1.49 26.52 17.53
N SER A 332 1.11 25.75 18.56
CA SER A 332 0.01 26.10 19.46
C SER A 332 0.49 27.04 20.55
N LYS A 333 1.81 27.30 20.59
CA LYS A 333 2.40 28.07 21.67
C LYS A 333 3.16 29.26 21.09
N LEU A 334 3.72 30.04 22.01
CA LEU A 334 4.29 31.33 21.72
C LEU A 334 5.37 31.14 20.66
N LEU A 335 5.35 32.01 19.64
CA LEU A 335 6.30 31.94 18.55
C LEU A 335 7.24 33.16 18.58
N THR B 2 -31.35 -2.02 -3.40
CA THR B 2 -30.23 -2.96 -3.15
C THR B 2 -30.49 -4.28 -3.85
N ILE B 3 -29.51 -4.74 -4.62
CA ILE B 3 -29.46 -6.12 -5.03
C ILE B 3 -28.56 -6.90 -4.08
N ARG B 4 -28.98 -8.11 -3.72
CA ARG B 4 -28.22 -8.87 -2.75
C ARG B 4 -27.23 -9.84 -3.44
N VAL B 5 -25.97 -9.85 -2.97
CA VAL B 5 -24.88 -10.60 -3.61
C VAL B 5 -24.35 -11.66 -2.64
N GLY B 6 -24.07 -12.86 -3.18
CA GLY B 6 -23.37 -13.88 -2.41
C GLY B 6 -21.99 -14.12 -3.02
N ILE B 7 -21.01 -14.47 -2.19
CA ILE B 7 -19.70 -14.82 -2.74
C ILE B 7 -19.40 -16.24 -2.34
N ASN B 8 -19.01 -17.03 -3.33
CA ASN B 8 -18.56 -18.38 -3.04
C ASN B 8 -17.05 -18.42 -3.24
N GLY B 9 -16.30 -18.60 -2.15
CA GLY B 9 -14.84 -18.51 -2.18
C GLY B 9 -14.31 -17.13 -1.79
N PHE B 10 -13.99 -17.00 -0.49
CA PHE B 10 -13.63 -15.75 0.15
C PHE B 10 -12.10 -15.68 0.28
N GLY B 11 -11.43 -15.68 -0.88
CA GLY B 11 -9.98 -15.62 -1.00
C GLY B 11 -9.53 -14.24 -1.46
N ARG B 12 -8.40 -14.21 -2.19
CA ARG B 12 -7.89 -12.93 -2.68
C ARG B 12 -9.02 -12.22 -3.42
N ILE B 13 -9.57 -12.85 -4.46
CA ILE B 13 -10.57 -12.16 -5.26
C ILE B 13 -11.86 -11.97 -4.45
N GLY B 14 -12.32 -13.01 -3.74
CA GLY B 14 -13.51 -12.88 -2.92
C GLY B 14 -13.48 -11.66 -1.98
N ARG B 15 -12.37 -11.49 -1.26
CA ARG B 15 -12.20 -10.39 -0.32
C ARG B 15 -11.90 -9.08 -1.06
N ASN B 16 -11.24 -9.14 -2.22
CA ASN B 16 -11.12 -7.94 -3.04
C ASN B 16 -12.53 -7.43 -3.40
N PHE B 17 -13.37 -8.37 -3.84
CA PHE B 17 -14.71 -8.04 -4.33
C PHE B 17 -15.53 -7.47 -3.18
N PHE B 18 -15.48 -8.14 -2.03
CA PHE B 18 -16.13 -7.60 -0.85
C PHE B 18 -15.75 -6.15 -0.66
N ARG B 19 -14.44 -5.86 -0.61
CA ARG B 19 -14.02 -4.49 -0.37
C ARG B 19 -14.43 -3.52 -1.47
N ALA B 20 -14.41 -3.96 -2.75
CA ALA B 20 -14.79 -3.09 -3.83
C ALA B 20 -16.26 -2.67 -3.70
N VAL B 21 -17.08 -3.62 -3.29
CA VAL B 21 -18.49 -3.32 -3.08
C VAL B 21 -18.60 -2.29 -1.95
N LEU B 22 -17.92 -2.51 -0.81
CA LEU B 22 -17.93 -1.51 0.26
C LEU B 22 -17.56 -0.13 -0.30
N GLU B 23 -16.50 -0.10 -1.12
CA GLU B 23 -15.88 1.16 -1.45
C GLU B 23 -16.63 1.84 -2.59
N ARG B 24 -17.12 1.07 -3.57
CA ARG B 24 -17.39 1.60 -4.89
C ARG B 24 -18.84 1.50 -5.34
N SER B 25 -19.69 0.75 -4.63
CA SER B 25 -21.04 0.46 -5.11
C SER B 25 -22.06 1.12 -4.19
N ASP B 26 -23.11 1.72 -4.76
CA ASP B 26 -24.24 2.25 -4.01
C ASP B 26 -25.46 1.31 -4.01
N ASP B 27 -25.46 0.22 -4.80
CA ASP B 27 -26.68 -0.56 -4.93
C ASP B 27 -26.46 -2.05 -4.72
N LEU B 28 -25.23 -2.54 -4.48
CA LEU B 28 -25.05 -3.95 -4.18
C LEU B 28 -24.74 -4.08 -2.71
N GLU B 29 -25.08 -5.23 -2.14
CA GLU B 29 -24.70 -5.54 -0.77
C GLU B 29 -24.38 -7.02 -0.71
N VAL B 30 -23.22 -7.35 -0.11
CA VAL B 30 -22.84 -8.72 0.14
C VAL B 30 -23.51 -9.12 1.45
N VAL B 31 -24.33 -10.18 1.41
CA VAL B 31 -25.10 -10.61 2.58
C VAL B 31 -24.74 -12.06 2.98
N ALA B 32 -24.07 -12.80 2.11
CA ALA B 32 -23.67 -14.14 2.50
C ALA B 32 -22.41 -14.55 1.77
N VAL B 33 -21.57 -15.35 2.46
CA VAL B 33 -20.35 -15.86 1.86
C VAL B 33 -20.22 -17.32 2.25
N ASN B 34 -19.67 -18.10 1.33
CA ASN B 34 -19.45 -19.50 1.55
C ASN B 34 -17.97 -19.78 1.30
N ASP B 35 -17.33 -20.44 2.27
CA ASP B 35 -15.91 -20.78 2.20
C ASP B 35 -15.66 -21.97 3.13
N SER B 36 -14.69 -22.79 2.72
CA SER B 36 -14.30 -24.03 3.39
C SER B 36 -13.69 -23.83 4.79
N LYS B 37 -13.00 -22.69 5.03
CA LYS B 37 -12.25 -22.49 6.26
C LYS B 37 -13.08 -21.76 7.33
N ASP B 38 -12.55 -21.70 8.56
CA ASP B 38 -13.26 -21.19 9.73
C ASP B 38 -13.28 -19.67 9.81
N ASN B 39 -14.21 -19.17 10.64
CA ASN B 39 -14.57 -17.77 10.59
C ASN B 39 -13.55 -16.94 11.34
N LYS B 40 -12.75 -17.55 12.23
CA LYS B 40 -11.67 -16.83 12.86
C LYS B 40 -10.65 -16.39 11.78
N THR B 41 -10.31 -17.33 10.90
CA THR B 41 -9.36 -17.14 9.83
C THR B 41 -9.92 -16.16 8.83
N LEU B 42 -11.18 -16.36 8.45
CA LEU B 42 -11.81 -15.57 7.43
C LEU B 42 -11.83 -14.11 7.83
N SER B 43 -12.11 -13.88 9.12
CA SER B 43 -12.34 -12.51 9.54
C SER B 43 -10.99 -11.85 9.82
N THR B 44 -9.97 -12.64 10.20
CA THR B 44 -8.64 -12.06 10.35
C THR B 44 -8.12 -11.60 8.97
N LEU B 45 -8.29 -12.44 7.96
CA LEU B 45 -7.82 -12.13 6.62
C LEU B 45 -8.61 -11.00 5.98
N LEU B 46 -9.89 -10.84 6.38
CA LEU B 46 -10.69 -9.72 5.90
C LEU B 46 -10.17 -8.45 6.54
N LYS B 47 -9.93 -8.48 7.85
CA LYS B 47 -9.53 -7.28 8.57
C LYS B 47 -8.14 -6.82 8.14
N PHE B 48 -7.21 -7.75 7.94
CA PHE B 48 -5.82 -7.39 7.72
C PHE B 48 -5.36 -8.00 6.39
N ASP B 49 -4.79 -7.16 5.54
CA ASP B 49 -4.46 -7.58 4.19
C ASP B 49 -3.09 -7.02 3.81
N SER B 50 -2.20 -7.91 3.37
CA SER B 50 -0.83 -7.56 3.12
C SER B 50 -0.75 -6.59 1.96
N ILE B 51 -1.79 -6.58 1.08
CA ILE B 51 -1.76 -5.77 -0.13
C ILE B 51 -2.60 -4.51 0.04
N MET B 52 -3.84 -4.68 0.50
CA MET B 52 -4.80 -3.59 0.55
C MET B 52 -4.74 -2.85 1.89
N GLY B 53 -4.00 -3.42 2.86
CA GLY B 53 -3.97 -2.90 4.22
C GLY B 53 -5.26 -3.20 4.99
N ARG B 54 -5.44 -2.52 6.12
CA ARG B 54 -6.52 -2.78 7.07
C ARG B 54 -7.87 -2.37 6.50
N LEU B 55 -8.85 -3.24 6.62
CA LEU B 55 -10.22 -2.82 6.37
C LEU B 55 -10.50 -1.65 7.30
N GLY B 56 -11.17 -0.61 6.80
CA GLY B 56 -11.50 0.51 7.67
C GLY B 56 -12.74 0.31 8.55
N GLN B 57 -13.03 -0.93 8.99
CA GLN B 57 -14.27 -1.24 9.70
C GLN B 57 -14.05 -2.29 10.79
N GLU B 58 -14.93 -2.27 11.80
CA GLU B 58 -14.88 -3.27 12.86
C GLU B 58 -15.36 -4.61 12.29
N VAL B 59 -14.66 -5.71 12.64
CA VAL B 59 -15.01 -7.04 12.17
C VAL B 59 -15.13 -7.98 13.38
N GLU B 60 -16.27 -8.66 13.49
CA GLU B 60 -16.51 -9.65 14.52
C GLU B 60 -17.09 -10.90 13.88
N TYR B 61 -16.96 -12.04 14.56
CA TYR B 61 -17.37 -13.30 13.99
C TYR B 61 -18.10 -14.09 15.07
N ASP B 62 -18.88 -15.07 14.63
CA ASP B 62 -19.30 -16.14 15.51
C ASP B 62 -19.34 -17.41 14.66
N ASP B 63 -20.17 -18.40 15.03
CA ASP B 63 -20.05 -19.74 14.46
C ASP B 63 -20.61 -19.79 13.04
N ASP B 64 -21.52 -18.88 12.68
CA ASP B 64 -22.09 -18.91 11.35
C ASP B 64 -22.30 -17.52 10.74
N SER B 65 -21.60 -16.48 11.23
CA SER B 65 -21.64 -15.21 10.54
C SER B 65 -20.34 -14.45 10.76
N ILE B 66 -20.17 -13.39 9.97
CA ILE B 66 -19.14 -12.39 10.20
C ILE B 66 -19.82 -11.04 10.12
N THR B 67 -19.52 -10.15 11.05
CA THR B 67 -20.20 -8.86 11.09
C THR B 67 -19.20 -7.74 10.82
N VAL B 68 -19.49 -6.95 9.80
CA VAL B 68 -18.58 -5.95 9.26
C VAL B 68 -19.27 -4.59 9.31
N GLY B 69 -18.74 -3.73 10.19
CA GLY B 69 -19.34 -2.42 10.38
C GLY B 69 -20.82 -2.56 10.73
N GLY B 70 -21.12 -3.43 11.70
CA GLY B 70 -22.48 -3.62 12.15
C GLY B 70 -23.31 -4.56 11.28
N LYS B 71 -22.88 -4.79 10.02
CA LYS B 71 -23.71 -5.56 9.10
C LYS B 71 -23.31 -7.03 9.14
N ARG B 72 -24.27 -7.89 9.53
CA ARG B 72 -24.04 -9.32 9.69
C ARG B 72 -24.05 -9.99 8.32
N ILE B 73 -23.02 -10.78 8.07
CA ILE B 73 -22.90 -11.55 6.85
C ILE B 73 -23.01 -13.00 7.28
N ALA B 74 -23.95 -13.73 6.72
CA ALA B 74 -24.10 -15.13 7.05
C ALA B 74 -23.04 -15.88 6.28
N VAL B 75 -22.42 -16.83 6.97
CA VAL B 75 -21.30 -17.56 6.43
C VAL B 75 -21.62 -19.04 6.44
N TYR B 76 -21.41 -19.71 5.30
CA TYR B 76 -21.64 -21.15 5.17
C TYR B 76 -20.30 -21.82 4.87
N ALA B 77 -20.31 -23.16 4.78
CA ALA B 77 -19.06 -23.86 4.58
C ALA B 77 -19.30 -25.21 3.89
N GLU B 78 -20.13 -25.20 2.84
CA GLU B 78 -20.36 -26.37 2.00
C GLU B 78 -19.31 -26.44 0.90
N ARG B 79 -18.56 -27.54 0.86
CA ARG B 79 -17.57 -27.74 -0.19
C ARG B 79 -18.28 -27.97 -1.52
N ASP B 80 -19.51 -28.49 -1.46
CA ASP B 80 -20.36 -28.70 -2.62
C ASP B 80 -21.46 -27.64 -2.63
N PRO B 81 -21.55 -26.78 -3.68
CA PRO B 81 -22.59 -25.74 -3.73
C PRO B 81 -24.04 -26.22 -3.79
N LYS B 82 -24.27 -27.52 -4.09
CA LYS B 82 -25.60 -28.12 -4.06
C LYS B 82 -26.24 -28.00 -2.67
N ASN B 83 -25.40 -27.89 -1.64
CA ASN B 83 -25.86 -27.87 -0.26
C ASN B 83 -26.17 -26.45 0.23
N LEU B 84 -25.91 -25.43 -0.59
CA LEU B 84 -26.14 -24.04 -0.22
C LEU B 84 -27.60 -23.63 -0.43
N ASP B 85 -28.08 -22.75 0.44
CA ASP B 85 -29.39 -22.16 0.27
C ASP B 85 -29.22 -20.66 0.08
N TRP B 86 -29.05 -20.24 -1.18
CA TRP B 86 -28.89 -18.83 -1.53
C TRP B 86 -30.22 -18.10 -1.36
N ALA B 87 -31.32 -18.81 -1.66
CA ALA B 87 -32.68 -18.26 -1.55
C ALA B 87 -33.03 -17.86 -0.11
N ALA B 88 -32.48 -18.56 0.89
CA ALA B 88 -32.74 -18.26 2.29
C ALA B 88 -32.32 -16.83 2.67
N HIS B 89 -31.46 -16.19 1.86
CA HIS B 89 -30.96 -14.87 2.19
C HIS B 89 -31.33 -13.88 1.10
N ASN B 90 -32.09 -14.34 0.10
CA ASN B 90 -32.45 -13.59 -1.09
C ASN B 90 -31.22 -13.13 -1.86
N VAL B 91 -30.28 -14.04 -2.09
CA VAL B 91 -29.16 -13.71 -2.94
C VAL B 91 -29.60 -13.82 -4.39
N ASP B 92 -29.53 -12.70 -5.11
CA ASP B 92 -29.73 -12.62 -6.54
C ASP B 92 -28.52 -13.10 -7.35
N ILE B 93 -27.30 -12.66 -6.96
CA ILE B 93 -26.11 -12.89 -7.75
C ILE B 93 -25.03 -13.54 -6.89
N VAL B 94 -24.49 -14.65 -7.40
CA VAL B 94 -23.37 -15.30 -6.77
C VAL B 94 -22.11 -15.00 -7.60
N ILE B 95 -21.06 -14.61 -6.86
CA ILE B 95 -19.72 -14.52 -7.38
C ILE B 95 -19.04 -15.84 -7.08
N GLU B 96 -18.64 -16.55 -8.13
CA GLU B 96 -18.01 -17.85 -7.99
C GLU B 96 -16.50 -17.64 -8.12
N SER B 97 -15.81 -17.58 -6.97
CA SER B 97 -14.40 -17.21 -6.95
C SER B 97 -13.57 -18.24 -6.17
N THR B 98 -13.91 -19.52 -6.32
CA THR B 98 -13.22 -20.58 -5.61
C THR B 98 -12.08 -21.12 -6.45
N GLY B 99 -12.21 -20.98 -7.78
CA GLY B 99 -11.31 -21.57 -8.75
C GLY B 99 -11.67 -23.02 -9.11
N PHE B 100 -12.67 -23.60 -8.44
CA PHE B 100 -12.98 -25.01 -8.61
C PHE B 100 -14.30 -25.25 -9.34
N PHE B 101 -14.95 -24.17 -9.78
CA PHE B 101 -16.26 -24.31 -10.39
C PHE B 101 -16.32 -23.41 -11.63
N THR B 102 -15.22 -23.41 -12.40
CA THR B 102 -15.12 -22.60 -13.62
C THR B 102 -15.76 -23.37 -14.77
N ASP B 103 -16.09 -24.65 -14.57
CA ASP B 103 -17.01 -25.29 -15.48
C ASP B 103 -18.43 -24.83 -15.12
N ALA B 104 -19.11 -24.17 -16.06
CA ALA B 104 -20.46 -23.66 -15.83
C ALA B 104 -21.44 -24.81 -15.55
N ASN B 105 -21.11 -26.03 -15.98
CA ASN B 105 -21.98 -27.19 -15.75
C ASN B 105 -21.99 -27.46 -14.25
N ALA B 106 -20.87 -27.16 -13.55
CA ALA B 106 -20.79 -27.30 -12.11
C ALA B 106 -21.35 -26.04 -11.43
N ALA B 107 -20.90 -24.86 -11.91
CA ALA B 107 -21.26 -23.56 -11.36
C ALA B 107 -22.78 -23.36 -11.30
N LYS B 108 -23.54 -23.98 -12.24
CA LYS B 108 -24.98 -23.82 -12.29
C LYS B 108 -25.60 -24.38 -11.00
N ALA B 109 -24.89 -25.23 -10.27
CA ALA B 109 -25.35 -25.66 -8.96
C ALA B 109 -25.79 -24.49 -8.08
N HIS B 110 -25.30 -23.27 -8.32
CA HIS B 110 -25.76 -22.12 -7.55
C HIS B 110 -27.17 -21.69 -7.94
N ILE B 111 -27.51 -21.83 -9.23
CA ILE B 111 -28.82 -21.46 -9.75
C ILE B 111 -29.87 -22.36 -9.11
N GLU B 112 -29.63 -23.69 -9.14
CA GLU B 112 -30.46 -24.67 -8.45
C GLU B 112 -30.58 -24.33 -6.96
N ALA B 113 -29.51 -23.74 -6.37
CA ALA B 113 -29.49 -23.45 -4.95
C ALA B 113 -30.20 -22.15 -4.60
N GLY B 114 -30.82 -21.48 -5.59
CA GLY B 114 -31.66 -20.32 -5.31
C GLY B 114 -31.20 -19.03 -6.01
N ALA B 115 -29.96 -19.00 -6.49
CA ALA B 115 -29.44 -17.81 -7.15
C ALA B 115 -30.09 -17.64 -8.51
N LYS B 116 -30.20 -16.40 -8.98
CA LYS B 116 -30.64 -16.10 -10.33
C LYS B 116 -29.47 -15.92 -11.31
N LYS B 117 -28.26 -15.55 -10.83
CA LYS B 117 -27.13 -15.31 -11.72
C LYS B 117 -25.82 -15.78 -11.08
N VAL B 118 -24.90 -16.29 -11.91
CA VAL B 118 -23.56 -16.61 -11.46
C VAL B 118 -22.54 -15.88 -12.32
N ILE B 119 -21.57 -15.18 -11.68
CA ILE B 119 -20.43 -14.58 -12.34
C ILE B 119 -19.17 -15.33 -11.87
N ILE B 120 -18.50 -15.95 -12.83
CA ILE B 120 -17.31 -16.75 -12.54
C ILE B 120 -16.13 -15.79 -12.67
N SER B 121 -15.34 -15.67 -11.61
CA SER B 121 -14.24 -14.72 -11.55
C SER B 121 -13.00 -15.32 -12.23
N ALA B 122 -13.09 -15.73 -13.51
CA ALA B 122 -12.02 -16.49 -14.16
C ALA B 122 -12.48 -16.98 -15.52
N PRO B 123 -11.56 -17.41 -16.41
CA PRO B 123 -11.94 -18.08 -17.66
C PRO B 123 -12.79 -19.28 -17.27
N ALA B 124 -13.88 -19.52 -18.01
CA ALA B 124 -14.80 -20.59 -17.67
C ALA B 124 -14.90 -21.58 -18.82
N SER B 125 -15.57 -22.72 -18.57
CA SER B 125 -15.99 -23.59 -19.65
C SER B 125 -17.51 -23.77 -19.64
N ASN B 126 -18.07 -23.88 -20.85
CA ASN B 126 -19.48 -24.17 -21.11
C ASN B 126 -20.37 -23.04 -20.62
N GLU B 127 -19.84 -21.83 -20.52
CA GLU B 127 -20.56 -20.74 -19.92
C GLU B 127 -21.51 -20.16 -20.96
N ASP B 128 -22.50 -19.39 -20.51
CA ASP B 128 -23.43 -18.74 -21.42
C ASP B 128 -22.69 -17.68 -22.23
N ALA B 129 -21.74 -17.00 -21.58
CA ALA B 129 -21.15 -15.80 -22.13
C ALA B 129 -19.93 -15.41 -21.29
N THR B 130 -18.91 -14.85 -21.95
CA THR B 130 -17.72 -14.31 -21.31
C THR B 130 -17.66 -12.84 -21.66
N PHE B 131 -17.41 -11.98 -20.65
CA PHE B 131 -17.31 -10.56 -20.92
C PHE B 131 -16.00 -9.95 -20.42
N VAL B 132 -15.51 -8.95 -21.16
CA VAL B 132 -14.62 -7.92 -20.63
C VAL B 132 -15.40 -6.62 -20.67
N TYR B 133 -15.76 -6.16 -19.48
CA TYR B 133 -16.53 -4.95 -19.36
C TYR B 133 -15.84 -3.84 -20.11
N GLY B 134 -16.64 -3.04 -20.83
CA GLY B 134 -16.15 -1.99 -21.69
C GLY B 134 -15.83 -2.50 -23.10
N VAL B 135 -15.72 -3.80 -23.31
CA VAL B 135 -15.36 -4.31 -24.62
C VAL B 135 -16.59 -4.94 -25.29
N ASN B 136 -17.32 -5.80 -24.59
CA ASN B 136 -18.44 -6.48 -25.24
C ASN B 136 -19.62 -6.66 -24.28
N HIS B 137 -19.73 -5.84 -23.25
CA HIS B 137 -20.76 -6.09 -22.25
C HIS B 137 -22.15 -5.69 -22.79
N GLU B 138 -22.21 -4.96 -23.89
CA GLU B 138 -23.50 -4.56 -24.42
C GLU B 138 -24.19 -5.76 -25.08
N SER B 139 -23.43 -6.82 -25.38
CA SER B 139 -24.00 -8.05 -25.86
C SER B 139 -24.54 -8.89 -24.70
N TYR B 140 -24.62 -8.32 -23.49
CA TYR B 140 -25.14 -9.05 -22.35
C TYR B 140 -26.66 -9.25 -22.48
N ASP B 141 -27.11 -10.52 -22.42
CA ASP B 141 -28.49 -10.88 -22.70
C ASP B 141 -29.15 -11.29 -21.39
N PRO B 142 -29.94 -10.42 -20.75
CA PRO B 142 -30.40 -10.71 -19.39
C PRO B 142 -31.38 -11.89 -19.25
N GLU B 143 -31.85 -12.43 -20.39
CA GLU B 143 -32.70 -13.60 -20.39
C GLU B 143 -31.82 -14.85 -20.44
N ASN B 144 -30.89 -14.90 -21.40
CA ASN B 144 -30.13 -16.10 -21.73
C ASN B 144 -28.70 -16.14 -21.14
N HIS B 145 -28.19 -15.04 -20.57
CA HIS B 145 -26.85 -15.03 -19.98
C HIS B 145 -26.95 -15.11 -18.46
N ASN B 146 -26.84 -16.34 -17.93
CA ASN B 146 -27.20 -16.66 -16.56
C ASN B 146 -25.98 -17.09 -15.75
N VAL B 147 -25.10 -17.89 -16.37
CA VAL B 147 -23.79 -18.24 -15.83
C VAL B 147 -22.76 -17.70 -16.81
N ILE B 148 -22.03 -16.66 -16.39
CA ILE B 148 -21.18 -15.87 -17.26
C ILE B 148 -19.77 -15.82 -16.69
N SER B 149 -18.76 -15.55 -17.53
CA SER B 149 -17.39 -15.35 -17.07
C SER B 149 -17.00 -13.88 -17.19
N GLY B 150 -16.25 -13.37 -16.20
CA GLY B 150 -15.55 -12.09 -16.31
C GLY B 150 -14.13 -12.19 -16.87
N ALA B 151 -13.79 -13.35 -17.48
CA ALA B 151 -12.49 -13.64 -18.08
C ALA B 151 -11.34 -13.45 -17.08
N SER B 152 -10.11 -13.30 -17.57
CA SER B 152 -8.94 -13.28 -16.70
C SER B 152 -8.45 -11.85 -16.56
N CYS B 153 -7.63 -11.65 -15.53
CA CYS B 153 -7.04 -10.34 -15.34
C CYS B 153 -6.32 -9.93 -16.63
N THR B 154 -5.56 -10.85 -17.26
CA THR B 154 -4.70 -10.49 -18.37
C THR B 154 -5.57 -10.10 -19.57
N THR B 155 -6.69 -10.82 -19.73
CA THR B 155 -7.61 -10.55 -20.83
C THR B 155 -8.28 -9.17 -20.65
N ASN B 156 -8.57 -8.78 -19.41
CA ASN B 156 -9.20 -7.50 -19.14
C ASN B 156 -8.20 -6.35 -19.37
N CYS B 157 -6.90 -6.67 -19.47
CA CYS B 157 -5.88 -5.70 -19.83
C CYS B 157 -5.70 -5.63 -21.33
N LEU B 158 -5.53 -6.79 -21.92
CA LEU B 158 -5.24 -6.90 -23.33
C LEU B 158 -6.39 -6.44 -24.22
N ALA B 159 -7.64 -6.82 -23.92
CA ALA B 159 -8.75 -6.66 -24.85
C ALA B 159 -9.10 -5.19 -25.09
N PRO B 160 -9.30 -4.34 -24.07
CA PRO B 160 -9.61 -2.93 -24.30
C PRO B 160 -8.62 -2.23 -25.24
N MET B 161 -7.33 -2.49 -25.04
CA MET B 161 -6.25 -2.02 -25.90
C MET B 161 -6.38 -2.59 -27.32
N ALA B 162 -6.53 -3.93 -27.44
CA ALA B 162 -6.53 -4.60 -28.74
C ALA B 162 -7.73 -4.16 -29.59
N LYS B 163 -8.90 -4.08 -28.95
CA LYS B 163 -10.09 -3.56 -29.61
C LYS B 163 -9.80 -2.22 -30.29
N VAL B 164 -9.30 -1.24 -29.52
CA VAL B 164 -9.11 0.10 -30.05
C VAL B 164 -8.19 0.06 -31.26
N LEU B 165 -7.10 -0.70 -31.19
CA LEU B 165 -6.07 -0.60 -32.21
C LEU B 165 -6.44 -1.42 -33.43
N ASN B 166 -7.19 -2.49 -33.16
CA ASN B 166 -7.69 -3.32 -34.24
C ASN B 166 -8.77 -2.51 -34.94
N ASP B 167 -9.64 -1.82 -34.18
CA ASP B 167 -10.67 -1.01 -34.80
C ASP B 167 -10.02 0.01 -35.71
N LYS B 168 -8.89 0.59 -35.28
CA LYS B 168 -8.33 1.73 -35.96
C LYS B 168 -7.35 1.34 -37.06
N PHE B 169 -6.54 0.30 -36.87
CA PHE B 169 -5.44 0.02 -37.79
C PHE B 169 -5.51 -1.42 -38.30
N GLY B 170 -6.33 -2.25 -37.64
CA GLY B 170 -6.37 -3.68 -37.93
C GLY B 170 -5.10 -4.43 -37.49
N ILE B 171 -5.28 -5.50 -36.70
CA ILE B 171 -4.18 -6.31 -36.22
C ILE B 171 -4.14 -7.58 -37.05
N GLU B 172 -3.01 -7.86 -37.69
CA GLU B 172 -2.89 -9.07 -38.49
C GLU B 172 -2.57 -10.27 -37.60
N ASN B 173 -1.44 -10.14 -36.89
CA ASN B 173 -0.90 -11.12 -35.97
C ASN B 173 -0.30 -10.39 -34.76
N GLY B 174 -0.30 -11.02 -33.59
CA GLY B 174 0.27 -10.43 -32.40
C GLY B 174 0.78 -11.48 -31.43
N LEU B 175 1.96 -11.24 -30.82
CA LEU B 175 2.38 -12.11 -29.73
C LEU B 175 2.57 -11.27 -28.46
N MET B 176 2.15 -11.86 -27.35
CA MET B 176 2.09 -11.14 -26.08
C MET B 176 3.02 -11.81 -25.06
N THR B 177 3.70 -10.97 -24.27
CA THR B 177 4.25 -11.40 -23.01
C THR B 177 3.66 -10.60 -21.87
N THR B 178 3.15 -11.27 -20.83
CA THR B 178 2.73 -10.52 -19.65
C THR B 178 3.79 -10.73 -18.57
N VAL B 179 4.25 -9.61 -18.01
CA VAL B 179 5.17 -9.61 -16.87
C VAL B 179 4.31 -9.39 -15.65
N HIS B 180 4.15 -10.45 -14.87
CA HIS B 180 3.00 -10.59 -13.99
C HIS B 180 3.48 -10.85 -12.54
N ALA B 181 2.84 -10.20 -11.57
CA ALA B 181 3.02 -10.52 -10.17
C ALA B 181 2.86 -12.01 -9.92
N TYR B 182 3.58 -12.54 -8.93
CA TYR B 182 3.36 -13.91 -8.50
C TYR B 182 1.96 -14.06 -7.91
N THR B 183 1.38 -15.28 -8.07
CA THR B 183 0.03 -15.57 -7.59
C THR B 183 0.08 -16.75 -6.63
N GLY B 184 -1.07 -16.96 -5.95
CA GLY B 184 -1.17 -17.76 -4.74
C GLY B 184 -0.93 -19.24 -5.02
N ASP B 185 -1.00 -19.64 -6.29
CA ASP B 185 -0.83 -21.02 -6.70
C ASP B 185 0.66 -21.38 -6.89
N GLN B 186 1.51 -20.37 -7.01
CA GLN B 186 2.94 -20.57 -6.98
C GLN B 186 3.44 -20.96 -5.58
N ARG B 187 4.63 -21.56 -5.55
CA ARG B 187 5.20 -22.08 -4.33
C ARG B 187 6.19 -21.07 -3.73
N LEU B 188 6.19 -20.95 -2.38
CA LEU B 188 7.11 -20.10 -1.67
C LEU B 188 8.52 -20.67 -1.72
N HIS B 189 8.64 -21.97 -1.52
CA HIS B 189 9.91 -22.69 -1.62
C HIS B 189 9.79 -23.75 -2.72
N ASP B 190 10.91 -24.21 -3.30
CA ASP B 190 10.83 -25.22 -4.34
C ASP B 190 9.99 -26.40 -3.81
N ALA B 191 8.95 -26.80 -4.52
CA ALA B 191 7.98 -27.76 -4.01
C ALA B 191 7.09 -28.25 -5.16
N PRO B 192 6.51 -29.48 -5.05
CA PRO B 192 5.75 -30.07 -6.17
C PRO B 192 4.62 -29.17 -6.63
N HIS B 193 4.48 -29.12 -7.95
CA HIS B 193 3.41 -28.41 -8.61
C HIS B 193 3.25 -29.13 -9.94
N ARG B 194 2.03 -29.21 -10.46
CA ARG B 194 1.80 -29.78 -11.78
C ARG B 194 2.65 -29.07 -12.84
N ASP B 195 2.84 -27.74 -12.70
CA ASP B 195 3.65 -26.90 -13.57
C ASP B 195 5.03 -26.81 -12.93
N LEU B 196 6.02 -27.48 -13.52
CA LEU B 196 7.31 -27.63 -12.88
C LEU B 196 8.11 -26.33 -12.84
N ARG B 197 7.66 -25.29 -13.56
CA ARG B 197 8.22 -23.96 -13.37
C ARG B 197 7.55 -23.22 -12.22
N ARG B 198 6.22 -23.33 -12.03
CA ARG B 198 5.52 -22.74 -10.89
C ARG B 198 5.83 -23.43 -9.55
N ALA B 199 6.45 -24.61 -9.63
CA ALA B 199 7.03 -25.30 -8.48
C ALA B 199 8.18 -24.53 -7.81
N ARG B 200 8.78 -23.55 -8.50
CA ARG B 200 10.02 -22.89 -8.06
C ARG B 200 9.74 -21.63 -7.26
N ALA B 201 10.51 -21.46 -6.19
CA ALA B 201 10.38 -20.35 -5.24
C ALA B 201 10.01 -19.04 -5.95
N ALA B 202 8.81 -18.51 -5.67
CA ALA B 202 8.22 -17.48 -6.53
C ALA B 202 8.87 -16.12 -6.31
N ALA B 203 9.34 -15.87 -5.07
CA ALA B 203 9.78 -14.53 -4.71
C ALA B 203 11.26 -14.35 -5.02
N VAL B 204 11.95 -15.39 -5.51
CA VAL B 204 13.33 -15.22 -5.96
C VAL B 204 13.56 -15.62 -7.42
N ASN B 205 12.50 -15.89 -8.16
CA ASN B 205 12.62 -16.32 -9.55
C ASN B 205 11.77 -15.45 -10.50
N ILE B 206 12.29 -15.26 -11.71
CA ILE B 206 11.50 -15.13 -12.93
C ILE B 206 11.04 -16.51 -13.35
N VAL B 207 9.70 -16.67 -13.39
CA VAL B 207 9.08 -17.95 -13.66
C VAL B 207 8.21 -17.88 -14.92
N PRO B 208 8.63 -18.48 -16.07
CA PRO B 208 7.77 -18.52 -17.24
C PRO B 208 6.59 -19.43 -16.98
N THR B 209 5.43 -19.02 -17.48
CA THR B 209 4.27 -19.88 -17.45
C THR B 209 3.38 -19.55 -18.66
N SER B 210 2.40 -20.41 -18.90
CA SER B 210 1.49 -20.21 -20.02
C SER B 210 0.29 -19.40 -19.52
N THR B 211 -0.41 -18.78 -20.47
CA THR B 211 -1.68 -18.14 -20.18
C THR B 211 -2.56 -18.30 -21.42
N GLY B 212 -3.86 -18.44 -21.22
CA GLY B 212 -4.85 -18.49 -22.29
C GLY B 212 -5.28 -17.11 -22.75
N ALA B 213 -4.87 -16.04 -22.02
CA ALA B 213 -5.43 -14.71 -22.22
C ALA B 213 -5.39 -14.28 -23.68
N ALA B 214 -4.29 -14.56 -24.37
CA ALA B 214 -4.12 -14.06 -25.73
C ALA B 214 -5.16 -14.72 -26.68
N LYS B 215 -5.31 -16.04 -26.57
CA LYS B 215 -6.40 -16.73 -27.24
C LYS B 215 -7.77 -16.29 -26.71
N ALA B 216 -7.96 -16.18 -25.39
CA ALA B 216 -9.28 -15.97 -24.82
C ALA B 216 -9.86 -14.60 -25.21
N VAL B 217 -8.99 -13.65 -25.60
CA VAL B 217 -9.45 -12.41 -26.20
C VAL B 217 -10.46 -12.68 -27.31
N ALA B 218 -10.36 -13.83 -27.98
CA ALA B 218 -11.16 -14.11 -29.18
C ALA B 218 -12.61 -14.37 -28.80
N LEU B 219 -12.85 -14.83 -27.57
CA LEU B 219 -14.20 -14.89 -27.03
C LEU B 219 -14.88 -13.52 -27.04
N VAL B 220 -14.14 -12.43 -26.77
CA VAL B 220 -14.85 -11.17 -26.60
C VAL B 220 -14.60 -10.29 -27.82
N LEU B 221 -13.57 -10.59 -28.60
CA LEU B 221 -13.30 -9.88 -29.83
C LEU B 221 -13.12 -10.93 -30.93
N PRO B 222 -14.22 -11.53 -31.44
CA PRO B 222 -14.12 -12.72 -32.29
C PRO B 222 -13.33 -12.41 -33.55
N GLU B 223 -13.32 -11.13 -33.95
CA GLU B 223 -12.47 -10.73 -35.06
C GLU B 223 -11.02 -11.12 -34.80
N LEU B 224 -10.61 -11.39 -33.55
CA LEU B 224 -9.18 -11.66 -33.36
C LEU B 224 -8.91 -13.17 -33.23
N LYS B 225 -9.89 -14.03 -33.49
CA LYS B 225 -9.65 -15.46 -33.32
C LYS B 225 -8.54 -15.94 -34.25
N GLY B 226 -7.57 -16.67 -33.69
CA GLY B 226 -6.46 -17.24 -34.45
C GLY B 226 -5.24 -16.32 -34.55
N LYS B 227 -5.34 -15.07 -34.09
CA LYS B 227 -4.36 -14.04 -34.41
C LYS B 227 -3.37 -13.70 -33.28
N LEU B 228 -3.61 -14.17 -32.05
CA LEU B 228 -2.83 -13.80 -30.87
C LEU B 228 -2.36 -15.05 -30.13
N ASP B 229 -1.12 -15.03 -29.64
CA ASP B 229 -0.69 -16.05 -28.71
C ASP B 229 0.19 -15.35 -27.67
N GLY B 230 0.62 -16.06 -26.65
CA GLY B 230 1.51 -15.46 -25.67
C GLY B 230 1.83 -16.38 -24.51
N TYR B 231 2.61 -15.83 -23.56
CA TYR B 231 2.96 -16.53 -22.35
C TYR B 231 3.17 -15.48 -21.28
N ALA B 232 3.37 -15.92 -20.04
CA ALA B 232 3.59 -15.01 -18.94
C ALA B 232 4.99 -15.22 -18.35
N LEU B 233 5.57 -14.12 -17.84
CA LEU B 233 6.70 -14.21 -16.93
C LEU B 233 6.25 -13.74 -15.55
N ARG B 234 6.18 -14.69 -14.58
CA ARG B 234 5.92 -14.36 -13.18
C ARG B 234 7.18 -13.84 -12.52
N VAL B 235 7.06 -12.65 -11.88
CA VAL B 235 8.19 -11.97 -11.30
C VAL B 235 7.88 -11.54 -9.86
N PRO B 236 8.94 -11.34 -9.06
CA PRO B 236 8.79 -11.06 -7.62
C PRO B 236 8.28 -9.68 -7.22
N VAL B 237 7.02 -9.39 -7.60
CA VAL B 237 6.20 -8.34 -6.99
C VAL B 237 4.88 -9.00 -6.62
N ILE B 238 4.26 -8.55 -5.52
CA ILE B 238 3.08 -9.22 -4.97
C ILE B 238 1.79 -8.92 -5.73
N THR B 239 1.72 -7.75 -6.36
CA THR B 239 0.66 -7.40 -7.29
C THR B 239 1.16 -6.30 -8.20
N GLY B 240 0.50 -6.20 -9.36
CA GLY B 240 0.84 -5.35 -10.47
C GLY B 240 1.50 -6.11 -11.62
N SER B 241 1.07 -5.81 -12.82
CA SER B 241 1.51 -6.59 -13.96
C SER B 241 1.46 -5.68 -15.16
N ALA B 242 2.15 -6.09 -16.21
CA ALA B 242 2.09 -5.37 -17.48
C ALA B 242 1.95 -6.38 -18.59
N THR B 243 1.17 -6.02 -19.62
CA THR B 243 1.01 -6.82 -20.82
C THR B 243 1.75 -6.17 -21.97
N ASP B 244 2.69 -6.90 -22.54
CA ASP B 244 3.50 -6.40 -23.63
C ASP B 244 3.04 -7.14 -24.89
N LEU B 245 2.41 -6.40 -25.82
CA LEU B 245 1.91 -6.93 -27.09
C LEU B 245 2.72 -6.38 -28.26
N THR B 246 3.20 -7.31 -29.10
CA THR B 246 3.84 -6.97 -30.35
C THR B 246 3.04 -7.57 -31.49
N PHE B 247 2.73 -6.73 -32.47
CA PHE B 247 1.80 -7.11 -33.50
C PHE B 247 2.11 -6.41 -34.82
N ASN B 248 1.48 -6.95 -35.86
CA ASN B 248 1.55 -6.48 -37.24
C ASN B 248 0.22 -5.90 -37.67
N THR B 249 0.32 -4.82 -38.45
CA THR B 249 -0.82 -4.18 -39.08
C THR B 249 -0.52 -3.94 -40.56
N LYS B 250 -1.57 -3.72 -41.37
CA LYS B 250 -1.34 -3.31 -42.75
C LYS B 250 -1.26 -1.78 -42.83
N SER B 251 -1.85 -1.08 -41.86
CA SER B 251 -1.73 0.36 -41.81
C SER B 251 -0.25 0.80 -41.71
N GLU B 252 -0.01 2.05 -42.11
CA GLU B 252 1.25 2.72 -41.83
C GLU B 252 1.03 3.52 -40.55
N VAL B 253 1.89 3.30 -39.57
CA VAL B 253 1.64 3.76 -38.22
C VAL B 253 2.92 4.42 -37.73
N THR B 254 2.77 5.37 -36.80
CA THR B 254 3.90 5.79 -36.00
C THR B 254 3.55 5.62 -34.53
N VAL B 255 4.54 5.86 -33.68
CA VAL B 255 4.34 5.92 -32.24
C VAL B 255 3.26 6.93 -31.93
N GLU B 256 3.38 8.12 -32.53
CA GLU B 256 2.43 9.24 -32.35
C GLU B 256 1.01 8.77 -32.70
N SER B 257 0.81 8.10 -33.85
CA SER B 257 -0.50 7.68 -34.28
C SER B 257 -1.04 6.53 -33.43
N ILE B 258 -0.17 5.59 -33.02
CA ILE B 258 -0.64 4.56 -32.11
C ILE B 258 -1.16 5.21 -30.83
N ASN B 259 -0.40 6.16 -30.30
CA ASN B 259 -0.68 6.70 -28.98
C ASN B 259 -1.94 7.54 -29.03
N ALA B 260 -2.10 8.38 -30.09
CA ALA B 260 -3.28 9.22 -30.32
C ALA B 260 -4.58 8.42 -30.43
N ALA B 261 -4.54 7.26 -31.05
CA ALA B 261 -5.71 6.40 -31.13
C ALA B 261 -6.14 5.99 -29.72
N ILE B 262 -5.20 5.60 -28.85
CA ILE B 262 -5.59 5.16 -27.52
C ILE B 262 -6.19 6.34 -26.74
N LYS B 263 -5.53 7.48 -26.79
CA LYS B 263 -5.94 8.66 -26.08
C LYS B 263 -7.35 9.13 -26.50
N GLU B 264 -7.69 9.10 -27.79
CA GLU B 264 -9.00 9.56 -28.24
C GLU B 264 -10.07 8.58 -27.74
N ALA B 265 -9.74 7.27 -27.66
CA ALA B 265 -10.68 6.26 -27.20
C ALA B 265 -10.85 6.26 -25.68
N ALA B 266 -9.79 6.64 -24.93
CA ALA B 266 -9.75 6.49 -23.47
C ALA B 266 -10.54 7.59 -22.76
N VAL B 267 -11.86 7.72 -23.04
CA VAL B 267 -12.67 8.74 -22.40
C VAL B 267 -14.06 8.20 -22.12
N GLY B 268 -14.86 9.02 -21.42
CA GLY B 268 -16.16 8.62 -20.93
C GLY B 268 -16.09 7.27 -20.22
N GLU B 269 -17.17 6.50 -20.36
CA GLU B 269 -17.31 5.33 -19.54
C GLU B 269 -16.17 4.36 -19.85
N PHE B 270 -15.76 4.28 -21.12
CA PHE B 270 -14.73 3.37 -21.59
C PHE B 270 -13.39 3.71 -20.92
N GLY B 271 -13.22 5.00 -20.62
CA GLY B 271 -12.04 5.56 -19.99
C GLY B 271 -11.86 5.05 -18.55
N GLU B 272 -12.92 4.48 -17.97
CA GLU B 272 -12.82 3.90 -16.64
C GLU B 272 -12.37 2.44 -16.71
N THR B 273 -12.42 1.87 -17.92
CA THR B 273 -11.83 0.57 -18.21
C THR B 273 -10.38 0.71 -18.70
N LEU B 274 -10.18 1.58 -19.69
CA LEU B 274 -8.91 1.83 -20.34
C LEU B 274 -8.43 3.25 -20.04
N ALA B 275 -7.25 3.38 -19.43
CA ALA B 275 -6.65 4.69 -19.26
C ALA B 275 -5.51 4.86 -20.24
N TYR B 276 -5.26 6.13 -20.55
CA TYR B 276 -4.12 6.55 -21.35
C TYR B 276 -3.19 7.35 -20.44
N SER B 277 -1.92 6.95 -20.40
CA SER B 277 -0.99 7.61 -19.51
C SER B 277 0.28 8.03 -20.25
N GLU B 278 0.80 9.21 -19.90
CA GLU B 278 2.14 9.61 -20.35
C GLU B 278 3.03 9.78 -19.12
N GLU B 279 2.65 9.23 -17.96
CA GLU B 279 3.41 9.42 -16.73
C GLU B 279 4.58 8.42 -16.66
N PRO B 280 5.63 8.68 -15.87
CA PRO B 280 6.74 7.74 -15.74
C PRO B 280 6.41 6.60 -14.78
N LEU B 281 5.53 5.67 -15.20
CA LEU B 281 4.94 4.64 -14.34
C LEU B 281 5.89 3.47 -14.08
N VAL B 282 5.82 2.98 -12.84
CA VAL B 282 6.42 1.72 -12.42
C VAL B 282 5.28 0.92 -11.77
N SER B 283 5.48 -0.36 -11.48
CA SER B 283 4.36 -1.19 -11.00
C SER B 283 3.66 -0.65 -9.75
N THR B 284 4.37 -0.12 -8.78
CA THR B 284 3.67 0.30 -7.57
C THR B 284 2.69 1.42 -7.85
N ASP B 285 2.85 2.16 -8.95
CA ASP B 285 1.94 3.24 -9.27
C ASP B 285 0.59 2.78 -9.83
N ILE B 286 0.45 1.50 -10.20
CA ILE B 286 -0.84 1.01 -10.68
C ILE B 286 -1.48 0.06 -9.67
N VAL B 287 -0.81 -0.18 -8.54
CA VAL B 287 -1.45 -0.90 -7.46
C VAL B 287 -2.65 -0.09 -6.98
N HIS B 288 -3.77 -0.78 -6.85
CA HIS B 288 -5.05 -0.21 -6.45
C HIS B 288 -5.59 0.77 -7.47
N ASP B 289 -5.14 0.71 -8.73
CA ASP B 289 -5.77 1.44 -9.80
C ASP B 289 -7.02 0.66 -10.26
N SER B 290 -8.14 1.38 -10.50
CA SER B 290 -9.42 0.74 -10.76
C SER B 290 -9.63 0.41 -12.23
N HIS B 291 -8.70 0.83 -13.12
CA HIS B 291 -8.86 0.53 -14.54
C HIS B 291 -8.52 -0.92 -14.84
N GLY B 292 -9.05 -1.46 -15.93
CA GLY B 292 -8.67 -2.81 -16.34
C GLY B 292 -7.35 -2.81 -17.09
N SER B 293 -7.00 -1.65 -17.65
CA SER B 293 -5.89 -1.50 -18.56
C SER B 293 -5.40 -0.06 -18.50
N ILE B 294 -4.07 0.12 -18.31
CA ILE B 294 -3.47 1.44 -18.24
C ILE B 294 -2.35 1.46 -19.27
N PHE B 295 -2.67 2.03 -20.43
CA PHE B 295 -1.80 2.11 -21.57
C PHE B 295 -0.67 3.09 -21.32
N ASP B 296 0.56 2.62 -21.51
CA ASP B 296 1.75 3.41 -21.20
C ASP B 296 2.30 3.98 -22.51
N ALA B 297 2.02 5.28 -22.78
CA ALA B 297 2.29 5.82 -24.10
C ALA B 297 3.81 5.88 -24.30
N GLY B 298 4.53 5.84 -23.17
CA GLY B 298 5.96 6.00 -23.17
C GLY B 298 6.66 4.75 -23.66
N LEU B 299 5.95 3.62 -23.68
CA LEU B 299 6.60 2.34 -24.05
C LEU B 299 6.28 1.89 -25.49
N THR B 300 5.51 2.68 -26.23
CA THR B 300 5.13 2.32 -27.59
C THR B 300 6.35 2.45 -28.51
N LYS B 301 6.61 1.40 -29.28
CA LYS B 301 7.66 1.35 -30.28
C LYS B 301 7.09 0.93 -31.63
N VAL B 302 7.67 1.42 -32.73
CA VAL B 302 7.24 1.00 -34.06
C VAL B 302 8.48 0.66 -34.90
N SER B 303 8.42 -0.49 -35.57
CA SER B 303 9.41 -0.90 -36.56
C SER B 303 8.71 -1.46 -37.80
N GLY B 304 8.87 -0.78 -38.93
CA GLY B 304 8.16 -1.17 -40.16
C GLY B 304 6.64 -1.17 -39.96
N ASN B 305 6.01 -2.33 -40.08
CA ASN B 305 4.58 -2.47 -39.80
C ASN B 305 4.32 -3.23 -38.49
N THR B 306 5.38 -3.35 -37.64
CA THR B 306 5.34 -4.06 -36.36
C THR B 306 5.34 -3.07 -35.20
N VAL B 307 4.31 -3.22 -34.34
CA VAL B 307 4.08 -2.35 -33.20
C VAL B 307 4.25 -3.12 -31.88
N LYS B 308 4.93 -2.47 -30.90
CA LYS B 308 4.95 -2.93 -29.53
C LYS B 308 4.19 -1.92 -28.67
N VAL B 309 3.18 -2.43 -27.97
CA VAL B 309 2.48 -1.63 -26.97
C VAL B 309 2.44 -2.36 -25.62
N VAL B 310 2.35 -1.57 -24.57
CA VAL B 310 2.43 -2.08 -23.22
C VAL B 310 1.35 -1.41 -22.38
N SER B 311 0.63 -2.26 -21.64
CA SER B 311 -0.39 -1.82 -20.73
C SER B 311 -0.24 -2.49 -19.38
N TRP B 312 -0.37 -1.67 -18.34
CA TRP B 312 -0.33 -2.10 -16.94
C TRP B 312 -1.70 -2.55 -16.44
N TYR B 313 -1.72 -3.43 -15.43
CA TYR B 313 -2.92 -3.70 -14.67
C TYR B 313 -2.60 -4.22 -13.28
N ASP B 314 -3.43 -3.82 -12.31
CA ASP B 314 -3.44 -4.46 -11.00
C ASP B 314 -4.30 -5.71 -11.13
N ASN B 315 -3.60 -6.82 -11.32
CA ASN B 315 -4.22 -8.11 -11.53
C ASN B 315 -5.15 -8.43 -10.38
N GLU B 316 -5.03 -7.81 -9.21
CA GLU B 316 -6.07 -8.03 -8.21
C GLU B 316 -7.20 -6.99 -8.33
N TRP B 317 -6.90 -5.71 -8.13
CA TRP B 317 -7.93 -4.71 -7.87
C TRP B 317 -8.56 -4.22 -9.17
N GLY B 318 -7.77 -4.17 -10.22
CA GLY B 318 -8.22 -3.78 -11.54
C GLY B 318 -9.21 -4.79 -12.08
N TYR B 319 -8.83 -6.06 -11.96
CA TYR B 319 -9.70 -7.13 -12.35
C TYR B 319 -11.01 -7.04 -11.54
N THR B 320 -10.89 -6.95 -10.20
CA THR B 320 -12.04 -6.86 -9.32
C THR B 320 -12.96 -5.70 -9.71
N CYS B 321 -12.39 -4.56 -10.10
CA CYS B 321 -13.21 -3.40 -10.42
C CYS B 321 -13.91 -3.61 -11.75
N GLN B 322 -13.26 -4.28 -12.72
CA GLN B 322 -13.91 -4.77 -13.93
C GLN B 322 -15.08 -5.72 -13.62
N LEU B 323 -14.88 -6.65 -12.70
CA LEU B 323 -15.87 -7.64 -12.33
C LEU B 323 -17.07 -6.99 -11.66
N LEU B 324 -16.81 -5.89 -10.97
CA LEU B 324 -17.85 -5.18 -10.26
C LEU B 324 -18.67 -4.37 -11.27
N ARG B 325 -17.98 -3.78 -12.26
CA ARG B 325 -18.67 -3.13 -13.36
C ARG B 325 -19.67 -4.09 -14.00
N LEU B 326 -19.24 -5.34 -14.25
CA LEU B 326 -20.03 -6.37 -14.89
C LEU B 326 -21.24 -6.72 -14.02
N THR B 327 -21.00 -6.87 -12.71
CA THR B 327 -21.99 -7.22 -11.73
C THR B 327 -23.05 -6.14 -11.66
N GLU B 328 -22.61 -4.86 -11.69
CA GLU B 328 -23.52 -3.73 -11.68
C GLU B 328 -24.39 -3.77 -12.93
N LEU B 329 -23.83 -4.04 -14.09
CA LEU B 329 -24.65 -4.23 -15.29
C LEU B 329 -25.73 -5.29 -15.07
N VAL B 330 -25.32 -6.52 -14.72
CA VAL B 330 -26.25 -7.60 -14.42
C VAL B 330 -27.33 -7.15 -13.43
N ALA B 331 -26.91 -6.46 -12.38
CA ALA B 331 -27.83 -6.07 -11.33
C ALA B 331 -28.75 -4.95 -11.78
N SER B 332 -28.46 -4.36 -12.95
CA SER B 332 -29.29 -3.28 -13.46
C SER B 332 -30.36 -3.78 -14.44
N LYS B 333 -30.45 -5.09 -14.69
CA LYS B 333 -31.41 -5.65 -15.62
C LYS B 333 -32.21 -6.72 -14.89
N LEU B 334 -32.81 -7.65 -15.65
CA LEU B 334 -33.94 -8.52 -15.27
C LEU B 334 -33.81 -9.14 -13.87
N LEU B 335 -33.08 -10.24 -13.73
CA LEU B 335 -33.01 -11.07 -12.52
C LEU B 335 -34.26 -11.92 -12.21
N GLU B 336 -34.82 -12.55 -13.24
CA GLU B 336 -35.93 -13.48 -13.03
C GLU B 336 -35.45 -14.88 -12.61
N HIS B 337 -36.25 -15.54 -11.77
CA HIS B 337 -36.24 -16.98 -11.62
C HIS B 337 -35.04 -17.40 -10.76
#